data_8U4W
#
_entry.id   8U4W
#
_cell.length_a   37.800
_cell.length_b   74.840
_cell.length_c   83.450
_cell.angle_alpha   109.10
_cell.angle_beta   99.10
_cell.angle_gamma   90.58
#
_symmetry.space_group_name_H-M   'P 1'
#
loop_
_entity.id
_entity.type
_entity.pdbx_description
1 polymer 'Poly [ADP-ribose] polymerase 1, processed C-terminus'
2 non-polymer (4M)-4-(2-{4-[(3S)-1-acetylpiperidine-3-carbonyl]piperazine-1-carbonyl}-1-benzofuran-7-yl)-1H-isoindol-1-one
3 water water
#
_entity_poly.entity_id   1
_entity_poly.type   'polypeptide(L)'
_entity_poly.pdbx_seq_one_letter_code
;STKSKLPKPVQDLIKMIFGSGSGSGGDPIDVNYEKLKTDIKVVDRDSEEAEIIRKYVKNTHATTHNAHDLEVIDIFKIER
EGECQRYKPFKQLHNRRLLWHGSRTTNFAGILSQGLRIAPPEAPVTGYMFGKGIYFADMVSKSANYCHTSQGDPIGLILL
GEVALGNMYELKHASHISKLPKGKHSVKGLGKTTPDPSANISLDGVDVPLGTGISSGVNDTSLLYNEYIVYDIAQVNLKY
LLKLKFNFKT
;
_entity_poly.pdbx_strand_id   A,B,C,D
#
# COMPACT_ATOMS: atom_id res chain seq x y z
N THR A 2 -5.53 33.00 -14.29
CA THR A 2 -5.33 32.18 -13.04
C THR A 2 -5.74 30.71 -13.29
N LYS A 3 -5.58 30.22 -14.53
CA LYS A 3 -5.95 28.84 -14.95
C LYS A 3 -4.89 28.28 -15.89
N SER A 4 -4.82 26.95 -16.01
CA SER A 4 -4.01 26.23 -17.02
C SER A 4 -4.82 26.10 -18.32
N LYS A 5 -4.16 26.33 -19.46
CA LYS A 5 -4.78 26.34 -20.82
C LYS A 5 -4.73 24.94 -21.42
N LEU A 6 -4.07 24.00 -20.75
CA LEU A 6 -3.83 22.61 -21.23
C LEU A 6 -5.12 21.81 -21.14
N PRO A 7 -5.30 20.79 -22.01
CA PRO A 7 -6.42 19.84 -21.89
C PRO A 7 -6.41 19.15 -20.51
N LYS A 8 -7.59 18.77 -20.02
CA LYS A 8 -7.80 18.18 -18.66
C LYS A 8 -6.95 16.91 -18.50
N PRO A 9 -6.92 15.98 -19.48
CA PRO A 9 -6.14 14.75 -19.33
C PRO A 9 -4.63 15.03 -19.19
N VAL A 10 -4.13 16.04 -19.88
CA VAL A 10 -2.70 16.49 -19.85
C VAL A 10 -2.41 17.06 -18.46
N GLN A 11 -3.38 17.76 -17.87
CA GLN A 11 -3.26 18.37 -16.51
C GLN A 11 -3.19 17.24 -15.47
N ASP A 12 -4.08 16.26 -15.56
CA ASP A 12 -4.11 15.07 -14.66
C ASP A 12 -2.79 14.29 -14.84
N LEU A 13 -2.25 14.27 -16.06
CA LEU A 13 -0.99 13.58 -16.42
C LEU A 13 0.19 14.24 -15.72
N ILE A 14 0.23 15.57 -15.68
CA ILE A 14 1.35 16.38 -15.12
C ILE A 14 1.35 16.26 -13.59
N LYS A 15 0.18 16.40 -12.96
CA LYS A 15 -0.01 16.27 -11.48
C LYS A 15 0.43 14.87 -11.03
N MET A 16 0.25 13.87 -11.89
CA MET A 16 0.67 12.46 -11.69
C MET A 16 2.20 12.37 -11.67
N ILE A 17 2.86 12.86 -12.72
CA ILE A 17 4.34 12.79 -12.94
C ILE A 17 5.08 13.42 -11.76
N PHE A 18 4.78 14.68 -11.44
CA PHE A 18 5.48 15.49 -10.42
C PHE A 18 4.97 15.16 -9.00
N GLY A 19 3.93 14.37 -8.92
CA GLY A 19 3.39 14.01 -7.62
C GLY A 19 2.63 15.15 -6.97
N ASP A 27 5.61 24.67 -9.63
CA ASP A 27 4.43 24.16 -8.88
C ASP A 27 3.13 24.41 -9.67
N PRO A 28 2.94 25.58 -10.32
CA PRO A 28 1.82 25.74 -11.27
C PRO A 28 1.94 24.74 -12.44
N ILE A 29 0.81 24.12 -12.80
CA ILE A 29 0.71 23.02 -13.81
C ILE A 29 1.45 23.43 -15.08
N ASP A 30 1.15 24.62 -15.61
CA ASP A 30 1.74 25.17 -16.85
C ASP A 30 3.27 25.20 -16.73
N VAL A 31 3.78 25.63 -15.57
CA VAL A 31 5.25 25.77 -15.32
C VAL A 31 5.91 24.40 -15.36
N ASN A 32 5.25 23.37 -14.84
CA ASN A 32 5.78 21.97 -14.78
C ASN A 32 5.73 21.35 -16.19
N TYR A 33 4.74 21.73 -17.01
CA TYR A 33 4.59 21.31 -18.42
C TYR A 33 5.75 21.85 -19.26
N GLU A 34 6.14 23.10 -19.00
CA GLU A 34 7.25 23.81 -19.69
C GLU A 34 8.58 23.12 -19.35
N LYS A 35 8.71 22.59 -18.12
CA LYS A 35 9.94 21.90 -17.62
C LYS A 35 10.23 20.65 -18.46
N LEU A 36 9.22 20.05 -19.09
CA LEU A 36 9.34 18.78 -19.86
C LEU A 36 9.91 19.06 -21.26
N LYS A 37 9.67 20.25 -21.81
CA LYS A 37 10.05 20.63 -23.19
C LYS A 37 9.59 19.52 -24.15
N THR A 38 8.32 19.12 -23.98
CA THR A 38 7.63 18.06 -24.76
C THR A 38 6.20 18.54 -25.06
N ASP A 39 5.82 18.57 -26.34
CA ASP A 39 4.44 18.89 -26.79
C ASP A 39 3.57 17.65 -26.57
N ILE A 40 2.77 17.64 -25.49
CA ILE A 40 1.85 16.51 -25.13
C ILE A 40 0.44 16.86 -25.60
N LYS A 41 -0.06 16.13 -26.60
CA LYS A 41 -1.45 16.24 -27.14
C LYS A 41 -2.16 14.90 -26.98
N VAL A 42 -3.47 14.94 -26.71
CA VAL A 42 -4.33 13.74 -26.47
C VAL A 42 -4.83 13.23 -27.82
N VAL A 43 -4.46 12.01 -28.19
CA VAL A 43 -4.96 11.28 -29.39
C VAL A 43 -6.46 11.03 -29.21
N ASP A 44 -7.26 11.24 -30.27
CA ASP A 44 -8.72 10.97 -30.27
C ASP A 44 -8.92 9.45 -30.15
N ARG A 45 -9.70 9.01 -29.16
CA ARG A 45 -9.96 7.57 -28.86
C ARG A 45 -10.73 6.90 -30.01
N ASP A 46 -11.35 7.68 -30.90
CA ASP A 46 -12.11 7.19 -32.09
C ASP A 46 -11.17 7.04 -33.30
N SER A 47 -10.11 7.85 -33.37
CA SER A 47 -9.14 7.91 -34.50
C SER A 47 -8.55 6.53 -34.81
N GLU A 48 -8.09 6.34 -36.05
CA GLU A 48 -7.36 5.14 -36.52
C GLU A 48 -6.14 4.91 -35.64
N GLU A 49 -5.45 5.99 -35.23
CA GLU A 49 -4.24 5.97 -34.37
C GLU A 49 -4.52 5.23 -33.06
N ALA A 50 -5.62 5.61 -32.37
CA ALA A 50 -6.02 5.06 -31.05
C ALA A 50 -6.41 3.59 -31.19
N GLU A 51 -7.11 3.23 -32.27
CA GLU A 51 -7.61 1.86 -32.53
C GLU A 51 -6.42 0.90 -32.68
N ILE A 52 -5.41 1.28 -33.47
CA ILE A 52 -4.19 0.46 -33.72
C ILE A 52 -3.44 0.31 -32.39
N ILE A 53 -3.21 1.42 -31.68
CA ILE A 53 -2.48 1.46 -30.38
C ILE A 53 -3.22 0.60 -29.34
N ARG A 54 -4.55 0.69 -29.28
CA ARG A 54 -5.39 -0.06 -28.30
C ARG A 54 -5.42 -1.54 -28.67
N LYS A 55 -5.24 -1.87 -29.97
CA LYS A 55 -5.16 -3.26 -30.49
C LYS A 55 -3.81 -3.88 -30.15
N TYR A 56 -2.75 -3.06 -30.13
CA TYR A 56 -1.36 -3.47 -29.83
C TYR A 56 -1.27 -3.90 -28.36
N VAL A 57 -2.04 -3.23 -27.48
CA VAL A 57 -2.12 -3.52 -26.02
C VAL A 57 -2.78 -4.89 -25.80
N LYS A 58 -3.98 -5.10 -26.37
CA LYS A 58 -4.86 -6.26 -26.10
C LYS A 58 -4.26 -7.55 -26.68
N ASN A 59 -3.63 -7.47 -27.86
CA ASN A 59 -3.09 -8.64 -28.61
C ASN A 59 -1.81 -9.18 -27.96
N THR A 60 -1.06 -8.32 -27.27
CA THR A 60 0.29 -8.63 -26.72
C THR A 60 0.21 -8.86 -25.21
N HIS A 61 -0.98 -9.13 -24.67
CA HIS A 61 -1.20 -9.76 -23.34
C HIS A 61 -0.88 -11.25 -23.43
N ALA A 62 -0.13 -11.80 -22.46
CA ALA A 62 0.29 -13.21 -22.41
C ALA A 62 -0.55 -13.97 -21.38
N HIS A 68 -3.84 -8.37 -13.84
CA HIS A 68 -2.87 -7.91 -14.82
C HIS A 68 -3.46 -7.68 -16.20
N ASP A 69 -4.67 -7.13 -16.26
CA ASP A 69 -5.26 -6.80 -17.55
C ASP A 69 -5.32 -5.32 -17.71
N LEU A 70 -4.91 -4.83 -18.87
CA LEU A 70 -4.79 -3.40 -19.04
C LEU A 70 -5.81 -2.66 -19.84
N GLU A 71 -6.38 -1.64 -19.23
CA GLU A 71 -7.31 -0.72 -19.94
C GLU A 71 -6.55 0.56 -20.29
N VAL A 72 -6.66 1.00 -21.54
CA VAL A 72 -6.06 2.27 -22.06
C VAL A 72 -7.00 3.42 -21.67
N ILE A 73 -6.65 4.17 -20.62
CA ILE A 73 -7.40 5.37 -20.16
C ILE A 73 -7.19 6.49 -21.20
N ASP A 74 -5.92 6.89 -21.39
CA ASP A 74 -5.51 8.03 -22.24
C ASP A 74 -4.34 7.62 -23.16
N ILE A 75 -4.32 8.17 -24.38
CA ILE A 75 -3.20 8.09 -25.34
C ILE A 75 -2.73 9.52 -25.64
N PHE A 76 -1.47 9.84 -25.35
CA PHE A 76 -0.85 11.15 -25.64
C PHE A 76 0.16 11.01 -26.79
N LYS A 77 0.07 11.89 -27.79
CA LYS A 77 1.08 12.08 -28.87
C LYS A 77 2.12 13.09 -28.37
N ILE A 78 3.35 12.63 -28.11
CA ILE A 78 4.44 13.45 -27.49
C ILE A 78 5.53 13.73 -28.53
N GLU A 79 6.27 14.85 -28.35
CA GLU A 79 7.42 15.25 -29.19
C GLU A 79 8.40 16.06 -28.33
N ARG A 80 9.44 15.40 -27.80
CA ARG A 80 10.54 16.04 -27.02
C ARG A 80 11.32 16.98 -27.93
N GLU A 81 11.80 18.11 -27.39
CA GLU A 81 12.59 19.15 -28.11
C GLU A 81 13.75 18.50 -28.86
N GLY A 82 13.80 18.70 -30.19
CA GLY A 82 14.93 18.36 -31.08
C GLY A 82 15.32 16.89 -31.01
N GLU A 83 14.37 16.00 -30.75
CA GLU A 83 14.59 14.53 -30.76
C GLU A 83 14.50 14.05 -32.21
N CYS A 84 13.68 14.72 -33.02
CA CYS A 84 13.63 14.60 -34.50
C CYS A 84 15.05 14.75 -35.07
N GLN A 85 15.67 15.90 -34.81
CA GLN A 85 17.03 16.26 -35.32
C GLN A 85 18.03 15.18 -34.89
N ARG A 86 18.02 14.80 -33.61
CA ARG A 86 18.94 13.80 -33.01
C ARG A 86 18.81 12.47 -33.77
N TYR A 87 17.58 12.08 -34.12
CA TYR A 87 17.22 10.73 -34.64
C TYR A 87 17.31 10.70 -36.16
N LYS A 88 17.38 11.88 -36.81
CA LYS A 88 17.33 12.03 -38.29
C LYS A 88 18.28 11.04 -38.96
N PRO A 89 19.57 10.97 -38.57
CA PRO A 89 20.50 10.00 -39.16
C PRO A 89 20.00 8.55 -39.18
N PHE A 90 19.28 8.14 -38.12
CA PHE A 90 18.77 6.76 -37.90
C PHE A 90 17.34 6.59 -38.43
N LYS A 91 16.70 7.67 -38.88
CA LYS A 91 15.39 7.61 -39.58
C LYS A 91 15.59 6.97 -40.96
N GLN A 92 16.84 6.88 -41.38
CA GLN A 92 17.15 6.27 -42.64
C GLN A 92 17.30 4.78 -42.51
N LEU A 93 17.60 4.31 -41.31
CA LEU A 93 17.83 2.90 -41.08
C LEU A 93 16.62 2.03 -41.28
N HIS A 94 16.85 0.77 -41.63
CA HIS A 94 15.78 -0.18 -41.82
C HIS A 94 15.36 -0.76 -40.49
N ASN A 95 14.31 -1.57 -40.48
CA ASN A 95 13.79 -2.14 -39.24
C ASN A 95 13.44 -1.17 -38.16
N ARG A 96 12.59 -0.19 -38.47
CA ARG A 96 12.12 0.71 -37.46
C ARG A 96 10.83 0.13 -36.91
N ARG A 97 10.81 -0.19 -35.62
CA ARG A 97 9.62 -0.80 -34.97
C ARG A 97 9.13 0.10 -33.83
N LEU A 98 7.82 0.33 -33.75
CA LEU A 98 7.14 0.97 -32.60
C LEU A 98 7.09 -0.06 -31.47
N LEU A 99 7.80 0.19 -30.36
CA LEU A 99 8.01 -0.79 -29.26
C LEU A 99 7.75 -0.13 -27.91
N TRP A 100 7.45 -0.93 -26.90
CA TRP A 100 7.07 -0.51 -25.52
C TRP A 100 8.32 -0.24 -24.70
N HIS A 101 8.32 0.84 -23.92
CA HIS A 101 9.24 1.06 -22.76
C HIS A 101 8.41 1.40 -21.51
N GLY A 102 8.54 0.59 -20.46
CA GLY A 102 7.85 0.78 -19.16
C GLY A 102 8.83 1.21 -18.09
N SER A 103 8.43 2.20 -17.27
CA SER A 103 9.24 2.76 -16.15
C SER A 103 8.30 3.18 -15.02
N ARG A 104 8.85 3.37 -13.81
CA ARG A 104 8.13 3.92 -12.63
C ARG A 104 7.67 5.34 -12.99
N THR A 105 6.47 5.74 -12.51
CA THR A 105 5.86 7.06 -12.79
C THR A 105 6.81 8.19 -12.38
N THR A 106 7.61 7.99 -11.33
CA THR A 106 8.55 8.99 -10.77
C THR A 106 9.60 9.38 -11.83
N ASN A 107 9.99 8.43 -12.70
CA ASN A 107 11.10 8.58 -13.67
C ASN A 107 10.66 9.40 -14.88
N PHE A 108 9.36 9.55 -15.12
CA PHE A 108 8.79 10.12 -16.38
C PHE A 108 9.01 11.64 -16.45
N ALA A 109 9.34 12.29 -15.34
CA ALA A 109 9.71 13.73 -15.29
C ALA A 109 11.06 13.92 -15.99
N GLY A 110 12.04 13.05 -15.67
CA GLY A 110 13.39 13.07 -16.28
C GLY A 110 13.39 12.51 -17.69
N ILE A 111 12.60 11.47 -17.95
CA ILE A 111 12.51 10.80 -19.29
C ILE A 111 12.08 11.85 -20.32
N LEU A 112 10.91 12.46 -20.15
CA LEU A 112 10.33 13.43 -21.12
C LEU A 112 11.22 14.68 -21.18
N SER A 113 11.89 14.99 -20.06
CA SER A 113 12.83 16.13 -19.91
C SER A 113 14.11 15.88 -20.72
N GLN A 114 14.78 14.76 -20.47
CA GLN A 114 16.16 14.46 -20.96
C GLN A 114 16.20 13.20 -21.82
N GLY A 115 15.03 12.68 -22.25
CA GLY A 115 14.92 11.48 -23.09
C GLY A 115 15.40 10.22 -22.38
N LEU A 116 15.32 9.08 -23.06
CA LEU A 116 15.89 7.79 -22.59
C LEU A 116 17.43 7.83 -22.75
N ARG A 117 18.15 7.50 -21.69
CA ARG A 117 19.64 7.58 -21.61
C ARG A 117 20.20 6.19 -21.25
N ILE A 118 21.51 6.00 -21.40
CA ILE A 118 22.23 4.75 -21.05
C ILE A 118 23.02 5.02 -19.77
N ALA A 119 22.83 4.20 -18.74
CA ALA A 119 23.62 4.28 -17.48
C ALA A 119 25.09 4.03 -17.81
N PRO A 120 26.04 4.67 -17.08
CA PRO A 120 27.46 4.57 -17.44
C PRO A 120 28.09 3.24 -16.99
N PRO A 121 29.15 2.76 -17.68
CA PRO A 121 29.81 1.50 -17.29
C PRO A 121 30.32 1.52 -15.84
N GLU A 122 30.89 2.66 -15.41
CA GLU A 122 31.37 2.92 -14.02
C GLU A 122 30.28 2.60 -12.99
N ALA A 123 29.01 2.90 -13.30
CA ALA A 123 27.87 2.74 -12.36
C ALA A 123 27.53 1.26 -12.22
N PRO A 124 27.57 0.69 -11.00
CA PRO A 124 27.33 -0.74 -10.80
C PRO A 124 25.92 -1.16 -11.24
N VAL A 125 25.84 -2.29 -11.95
CA VAL A 125 24.63 -2.74 -12.69
C VAL A 125 24.66 -4.26 -12.85
N THR A 126 23.53 -4.90 -12.56
CA THR A 126 23.31 -6.36 -12.51
C THR A 126 21.83 -6.63 -12.82
N GLY A 127 21.51 -7.79 -13.39
CA GLY A 127 20.17 -8.08 -13.94
C GLY A 127 20.05 -7.66 -15.39
N TYR A 128 20.74 -6.59 -15.79
CA TYR A 128 21.03 -6.23 -17.20
C TYR A 128 21.65 -7.47 -17.87
N MET A 129 21.00 -8.06 -18.88
CA MET A 129 21.49 -9.30 -19.52
C MET A 129 21.79 -9.09 -21.01
N PHE A 130 21.74 -7.86 -21.50
CA PHE A 130 22.27 -7.46 -22.83
C PHE A 130 23.01 -6.12 -22.69
N GLY A 131 23.78 -5.99 -21.61
CA GLY A 131 24.65 -4.84 -21.33
C GLY A 131 23.85 -3.57 -21.07
N LYS A 132 24.56 -2.45 -20.88
CA LYS A 132 23.95 -1.12 -20.64
C LYS A 132 23.55 -0.50 -21.99
N GLY A 133 22.25 -0.55 -22.28
CA GLY A 133 21.61 0.18 -23.39
C GLY A 133 20.21 0.61 -23.00
N ILE A 134 19.37 0.92 -23.99
CA ILE A 134 17.92 1.24 -23.80
C ILE A 134 17.10 0.04 -24.29
N TYR A 135 16.40 -0.65 -23.38
CA TYR A 135 15.62 -1.88 -23.66
C TYR A 135 14.19 -1.52 -24.06
N PHE A 136 13.54 -2.40 -24.82
CA PHE A 136 12.13 -2.27 -25.30
C PHE A 136 11.50 -3.67 -25.44
N ALA A 137 10.17 -3.73 -25.42
CA ALA A 137 9.36 -4.97 -25.57
C ALA A 137 8.39 -4.81 -26.74
N ASP A 138 8.11 -5.91 -27.45
CA ASP A 138 7.07 -6.00 -28.50
C ASP A 138 5.76 -6.47 -27.87
N MET A 139 5.83 -7.08 -26.69
CA MET A 139 4.65 -7.48 -25.86
C MET A 139 4.51 -6.47 -24.71
N VAL A 140 3.30 -5.93 -24.51
CA VAL A 140 3.00 -4.83 -23.54
C VAL A 140 3.11 -5.36 -22.11
N SER A 141 2.62 -6.57 -21.86
CA SER A 141 2.60 -7.22 -20.52
C SER A 141 4.03 -7.34 -19.97
N LYS A 142 5.04 -7.37 -20.85
CA LYS A 142 6.49 -7.35 -20.47
C LYS A 142 6.86 -5.95 -19.95
N SER A 143 6.65 -4.91 -20.77
CA SER A 143 7.01 -3.50 -20.44
C SER A 143 6.24 -3.04 -19.20
N ALA A 144 4.97 -3.43 -19.09
CA ALA A 144 4.04 -3.11 -17.98
C ALA A 144 4.67 -3.46 -16.63
N ASN A 145 5.37 -4.60 -16.54
CA ASN A 145 6.00 -5.11 -15.29
C ASN A 145 6.87 -4.02 -14.64
N TYR A 146 7.52 -3.18 -15.45
CA TYR A 146 8.53 -2.19 -15.03
C TYR A 146 7.86 -0.95 -14.42
N CYS A 147 6.54 -0.78 -14.63
CA CYS A 147 5.72 0.32 -14.04
C CYS A 147 5.63 0.14 -12.52
N HIS A 148 5.64 -1.11 -12.04
CA HIS A 148 5.59 -1.48 -10.60
C HIS A 148 4.38 -0.83 -9.93
N THR A 149 3.20 -0.93 -10.56
CA THR A 149 1.90 -0.39 -10.04
C THR A 149 1.28 -1.40 -9.07
N SER A 150 0.76 -0.92 -7.94
CA SER A 150 0.04 -1.71 -6.91
C SER A 150 -1.47 -1.50 -7.05
N GLN A 151 -2.28 -2.30 -6.34
CA GLN A 151 -3.76 -2.11 -6.24
C GLN A 151 -4.06 -0.78 -5.56
N GLY A 152 -3.16 -0.30 -4.68
CA GLY A 152 -3.29 0.98 -3.96
C GLY A 152 -3.28 2.17 -4.90
N ASP A 153 -2.44 2.13 -5.93
CA ASP A 153 -2.31 3.17 -6.99
C ASP A 153 -2.15 2.46 -8.34
N PRO A 154 -3.26 1.92 -8.92
CA PRO A 154 -3.18 1.03 -10.07
C PRO A 154 -3.15 1.70 -11.45
N ILE A 155 -2.59 2.92 -11.54
CA ILE A 155 -2.36 3.64 -12.83
C ILE A 155 -0.84 3.68 -13.08
N GLY A 156 -0.40 3.15 -14.23
CA GLY A 156 1.00 3.12 -14.66
C GLY A 156 1.18 3.74 -16.03
N LEU A 157 2.37 4.26 -16.32
CA LEU A 157 2.70 4.92 -17.60
C LEU A 157 3.67 4.03 -18.40
N ILE A 158 3.38 3.81 -19.68
CA ILE A 158 4.25 3.08 -20.65
C ILE A 158 4.41 3.94 -21.91
N LEU A 159 5.62 4.03 -22.43
CA LEU A 159 5.96 4.77 -23.69
C LEU A 159 5.83 3.83 -24.89
N LEU A 160 5.44 4.36 -26.04
CA LEU A 160 5.66 3.76 -27.38
C LEU A 160 6.74 4.60 -28.08
N GLY A 161 7.83 3.95 -28.51
CA GLY A 161 8.98 4.61 -29.15
C GLY A 161 9.28 4.00 -30.51
N GLU A 162 9.53 4.83 -31.52
CA GLU A 162 10.05 4.42 -32.85
C GLU A 162 11.55 4.11 -32.69
N VAL A 163 11.90 2.83 -32.54
CA VAL A 163 13.30 2.35 -32.33
C VAL A 163 13.89 1.91 -33.68
N ALA A 164 14.98 2.56 -34.11
CA ALA A 164 15.71 2.28 -35.37
C ALA A 164 16.70 1.13 -35.12
N LEU A 165 16.23 -0.11 -35.32
CA LEU A 165 16.94 -1.37 -34.91
C LEU A 165 17.91 -1.82 -36.01
N GLY A 166 17.62 -1.54 -37.29
CA GLY A 166 18.44 -1.96 -38.44
C GLY A 166 18.74 -3.44 -38.40
N ASN A 167 20.00 -3.83 -38.65
CA ASN A 167 20.46 -5.24 -38.54
C ASN A 167 20.54 -5.63 -37.06
N MET A 168 19.63 -6.50 -36.62
CA MET A 168 19.52 -6.95 -35.21
C MET A 168 20.49 -8.10 -34.97
N TYR A 169 21.34 -7.98 -33.94
CA TYR A 169 22.21 -9.06 -33.42
C TYR A 169 21.37 -9.90 -32.45
N GLU A 170 20.87 -11.05 -32.91
CA GLU A 170 19.82 -11.84 -32.22
C GLU A 170 20.50 -12.88 -31.29
N LEU A 171 20.32 -12.70 -29.97
CA LEU A 171 20.84 -13.56 -28.88
C LEU A 171 19.66 -14.21 -28.15
N LYS A 172 19.89 -15.34 -27.49
CA LYS A 172 18.88 -16.05 -26.66
C LYS A 172 19.46 -16.37 -25.28
N HIS A 173 20.61 -15.77 -24.94
CA HIS A 173 21.28 -15.93 -23.62
C HIS A 173 21.95 -14.61 -23.24
N ALA A 174 21.97 -14.31 -21.94
CA ALA A 174 22.59 -13.10 -21.35
C ALA A 174 24.03 -12.96 -21.86
N SER A 175 24.39 -11.77 -22.36
CA SER A 175 25.74 -11.42 -22.85
C SER A 175 25.99 -9.93 -22.65
N HIS A 176 26.97 -9.57 -21.83
CA HIS A 176 27.32 -8.15 -21.52
C HIS A 176 28.01 -7.52 -22.74
N ILE A 177 27.28 -6.69 -23.48
CA ILE A 177 27.69 -6.11 -24.80
C ILE A 177 28.56 -4.86 -24.56
N SER A 178 29.81 -4.91 -25.02
CA SER A 178 30.73 -3.75 -25.09
C SER A 178 30.52 -3.04 -26.43
N LYS A 179 30.72 -3.76 -27.54
CA LYS A 179 30.54 -3.28 -28.93
C LYS A 179 29.77 -4.32 -29.75
N LEU A 180 29.03 -3.88 -30.77
CA LEU A 180 28.21 -4.76 -31.64
C LEU A 180 29.09 -5.35 -32.73
N PRO A 181 28.87 -6.62 -33.13
CA PRO A 181 29.45 -7.16 -34.36
C PRO A 181 29.26 -6.23 -35.57
N LYS A 182 30.28 -6.15 -36.45
CA LYS A 182 30.33 -5.22 -37.61
C LYS A 182 29.07 -5.41 -38.47
N GLY A 183 28.33 -4.31 -38.68
CA GLY A 183 27.12 -4.28 -39.53
C GLY A 183 25.83 -4.38 -38.74
N LYS A 184 25.92 -4.76 -37.46
CA LYS A 184 24.76 -4.86 -36.52
C LYS A 184 24.56 -3.50 -35.84
N HIS A 185 23.30 -3.05 -35.74
CA HIS A 185 22.91 -1.71 -35.19
C HIS A 185 22.17 -1.86 -33.85
N SER A 186 21.63 -3.04 -33.55
CA SER A 186 20.81 -3.32 -32.33
C SER A 186 20.98 -4.77 -31.90
N VAL A 187 20.55 -5.10 -30.67
CA VAL A 187 20.43 -6.49 -30.14
C VAL A 187 18.94 -6.81 -30.01
N LYS A 188 18.56 -8.06 -30.28
CA LYS A 188 17.21 -8.60 -30.01
C LYS A 188 17.34 -9.94 -29.28
N GLY A 189 17.03 -9.97 -27.99
CA GLY A 189 16.80 -11.21 -27.24
C GLY A 189 15.58 -11.93 -27.78
N LEU A 190 15.70 -13.22 -28.12
CA LEU A 190 14.59 -14.03 -28.68
C LEU A 190 13.89 -14.76 -27.53
N GLY A 191 12.63 -14.42 -27.28
CA GLY A 191 11.81 -14.99 -26.19
C GLY A 191 11.07 -16.24 -26.65
N LYS A 192 10.47 -16.96 -25.71
CA LYS A 192 9.65 -18.18 -25.98
C LYS A 192 8.35 -17.75 -26.67
N THR A 193 7.88 -16.52 -26.42
CA THR A 193 6.60 -15.96 -26.92
C THR A 193 6.87 -14.70 -27.75
N THR A 194 6.20 -14.57 -28.90
CA THR A 194 6.34 -13.43 -29.85
C THR A 194 4.98 -13.10 -30.47
N PRO A 195 4.75 -11.84 -30.90
CA PRO A 195 3.62 -11.51 -31.78
C PRO A 195 3.65 -12.25 -33.11
N ASP A 196 2.47 -12.62 -33.62
CA ASP A 196 2.25 -13.32 -34.91
C ASP A 196 2.91 -12.50 -36.02
N PRO A 197 4.03 -12.97 -36.60
CA PRO A 197 4.72 -12.23 -37.67
C PRO A 197 3.82 -11.79 -38.84
N SER A 198 2.81 -12.58 -39.19
CA SER A 198 1.92 -12.38 -40.37
C SER A 198 0.86 -11.30 -40.11
N ALA A 199 0.73 -10.83 -38.86
CA ALA A 199 -0.24 -9.80 -38.43
C ALA A 199 0.48 -8.46 -38.20
N ASN A 200 1.74 -8.33 -38.62
CA ASN A 200 2.52 -7.07 -38.57
C ASN A 200 1.99 -6.10 -39.63
N ILE A 201 1.81 -4.83 -39.25
CA ILE A 201 1.29 -3.73 -40.12
C ILE A 201 2.32 -2.59 -40.13
N SER A 202 2.08 -1.56 -40.95
CA SER A 202 2.93 -0.35 -41.10
C SER A 202 2.17 0.89 -40.62
N LEU A 203 2.71 1.60 -39.62
CA LEU A 203 2.20 2.91 -39.12
C LEU A 203 3.29 3.97 -39.31
N ASP A 204 3.16 4.77 -40.38
CA ASP A 204 4.12 5.85 -40.77
C ASP A 204 5.44 5.21 -41.25
N GLY A 205 5.34 4.08 -41.97
CA GLY A 205 6.50 3.30 -42.46
C GLY A 205 7.27 2.62 -41.32
N VAL A 206 6.64 2.52 -40.15
CA VAL A 206 7.21 1.91 -38.90
C VAL A 206 6.47 0.59 -38.62
N ASP A 207 7.19 -0.53 -38.54
CA ASP A 207 6.61 -1.86 -38.26
C ASP A 207 6.04 -1.87 -36.83
N VAL A 208 4.76 -2.23 -36.70
CA VAL A 208 4.03 -2.38 -35.40
C VAL A 208 3.74 -3.86 -35.19
N PRO A 209 4.53 -4.58 -34.36
CA PRO A 209 4.32 -6.02 -34.17
C PRO A 209 3.16 -6.29 -33.20
N LEU A 210 1.92 -6.09 -33.65
CA LEU A 210 0.69 -6.15 -32.80
C LEU A 210 -0.06 -7.48 -33.02
N GLY A 211 0.62 -8.50 -33.56
CA GLY A 211 0.09 -9.87 -33.61
C GLY A 211 -0.09 -10.44 -32.21
N THR A 212 -0.95 -11.46 -32.06
CA THR A 212 -1.22 -12.15 -30.78
C THR A 212 0.03 -12.94 -30.36
N GLY A 213 0.28 -13.05 -29.06
CA GLY A 213 1.34 -13.92 -28.50
C GLY A 213 1.18 -15.35 -28.99
N ILE A 214 2.23 -15.89 -29.63
CA ILE A 214 2.30 -17.31 -30.11
C ILE A 214 3.63 -17.90 -29.65
N SER A 215 3.80 -19.21 -29.79
CA SER A 215 5.10 -19.92 -29.61
C SER A 215 6.03 -19.51 -30.76
N SER A 216 7.15 -18.85 -30.46
CA SER A 216 8.15 -18.34 -31.42
C SER A 216 8.79 -19.51 -32.20
N GLY A 217 8.96 -20.65 -31.53
CA GLY A 217 9.71 -21.82 -32.03
C GLY A 217 11.13 -21.83 -31.49
N VAL A 218 11.62 -20.68 -31.02
CA VAL A 218 12.93 -20.53 -30.34
C VAL A 218 12.87 -21.34 -29.03
N ASN A 219 13.62 -22.43 -28.96
CA ASN A 219 13.49 -23.48 -27.90
C ASN A 219 14.47 -23.22 -26.76
N ASP A 220 15.78 -23.17 -27.05
CA ASP A 220 16.85 -23.24 -26.03
C ASP A 220 17.17 -21.83 -25.51
N THR A 221 16.16 -21.06 -25.14
CA THR A 221 16.25 -19.62 -24.80
C THR A 221 15.95 -19.39 -23.31
N SER A 222 16.64 -18.41 -22.72
CA SER A 222 16.43 -17.92 -21.33
C SER A 222 15.15 -17.09 -21.26
N LEU A 223 14.83 -16.35 -22.33
CA LEU A 223 13.80 -15.27 -22.34
C LEU A 223 12.40 -15.85 -22.59
N LEU A 224 11.40 -15.26 -21.93
CA LEU A 224 9.94 -15.53 -22.13
C LEU A 224 9.39 -14.58 -23.20
N TYR A 225 10.00 -13.39 -23.33
CA TYR A 225 9.54 -12.26 -24.18
C TYR A 225 10.73 -11.66 -24.93
N ASN A 226 10.50 -11.23 -26.17
CA ASN A 226 11.50 -10.51 -26.99
C ASN A 226 11.85 -9.19 -26.30
N GLU A 227 13.15 -8.95 -26.08
CA GLU A 227 13.71 -7.64 -25.64
C GLU A 227 14.47 -7.03 -26.83
N TYR A 228 14.38 -5.71 -27.01
CA TYR A 228 15.16 -4.93 -28.02
C TYR A 228 16.04 -3.92 -27.27
N ILE A 229 17.34 -3.90 -27.57
CA ILE A 229 18.34 -3.00 -26.93
C ILE A 229 19.08 -2.19 -28.00
N VAL A 230 19.20 -0.88 -27.78
CA VAL A 230 20.07 0.04 -28.59
C VAL A 230 21.05 0.73 -27.64
N TYR A 231 22.28 0.98 -28.10
CA TYR A 231 23.43 1.48 -27.30
C TYR A 231 23.82 2.88 -27.76
N ASP A 232 22.92 3.56 -28.48
CA ASP A 232 23.01 5.00 -28.87
C ASP A 232 21.63 5.64 -28.67
N ILE A 233 21.56 6.75 -27.94
CA ILE A 233 20.28 7.43 -27.58
C ILE A 233 19.64 8.01 -28.85
N ALA A 234 20.43 8.28 -29.89
CA ALA A 234 19.97 8.85 -31.18
C ALA A 234 19.12 7.83 -31.96
N GLN A 235 19.18 6.54 -31.59
CA GLN A 235 18.43 5.45 -32.26
C GLN A 235 16.97 5.42 -31.79
N VAL A 236 16.61 6.24 -30.79
CA VAL A 236 15.23 6.30 -30.21
C VAL A 236 14.57 7.64 -30.58
N ASN A 237 13.27 7.59 -30.88
CA ASN A 237 12.42 8.77 -31.17
C ASN A 237 11.00 8.48 -30.65
N LEU A 238 10.69 8.99 -29.45
CA LEU A 238 9.43 8.68 -28.70
C LEU A 238 8.22 9.28 -29.45
N LYS A 239 7.13 8.51 -29.56
CA LYS A 239 5.93 8.87 -30.36
C LYS A 239 4.72 9.05 -29.45
N TYR A 240 4.45 8.09 -28.56
CA TYR A 240 3.23 8.09 -27.69
C TYR A 240 3.60 7.74 -26.24
N LEU A 241 2.85 8.33 -25.30
CA LEU A 241 2.82 7.95 -23.86
C LEU A 241 1.39 7.51 -23.51
N LEU A 242 1.24 6.38 -22.84
CA LEU A 242 -0.08 5.81 -22.45
C LEU A 242 -0.24 5.84 -20.93
N LYS A 243 -1.42 6.25 -20.47
CA LYS A 243 -1.88 6.15 -19.05
C LYS A 243 -2.75 4.89 -18.96
N LEU A 244 -2.31 3.88 -18.20
CA LEU A 244 -2.91 2.52 -18.18
C LEU A 244 -3.44 2.18 -16.78
N LYS A 245 -4.71 1.78 -16.68
CA LYS A 245 -5.31 1.19 -15.45
C LYS A 245 -5.00 -0.30 -15.43
N PHE A 246 -4.33 -0.77 -14.37
CA PHE A 246 -4.01 -2.19 -14.11
C PHE A 246 -5.19 -2.81 -13.33
N ASN A 247 -5.89 -3.77 -13.94
CA ASN A 247 -7.06 -4.47 -13.35
C ASN A 247 -6.59 -5.78 -12.70
N PHE A 248 -6.58 -5.84 -11.36
CA PHE A 248 -6.09 -7.00 -10.56
C PHE A 248 -7.26 -7.95 -10.26
N THR B 2 58.65 -21.15 -7.35
CA THR B 2 57.64 -20.95 -8.43
C THR B 2 56.72 -22.18 -8.51
N LYS B 3 56.18 -22.59 -7.37
CA LYS B 3 55.18 -23.70 -7.24
C LYS B 3 54.13 -23.29 -6.21
N SER B 4 52.86 -23.24 -6.60
CA SER B 4 51.71 -22.97 -5.71
C SER B 4 51.54 -24.18 -4.75
N LYS B 5 51.17 -23.90 -3.50
CA LYS B 5 51.03 -24.91 -2.41
C LYS B 5 49.55 -25.28 -2.24
N LEU B 6 48.66 -24.68 -3.05
CA LEU B 6 47.18 -24.87 -2.99
C LEU B 6 46.78 -26.14 -3.72
N PRO B 7 45.66 -26.77 -3.34
CA PRO B 7 45.09 -27.88 -4.12
C PRO B 7 44.83 -27.49 -5.57
N LYS B 8 44.94 -28.46 -6.49
CA LYS B 8 44.80 -28.26 -7.96
C LYS B 8 43.45 -27.62 -8.28
N PRO B 9 42.32 -28.06 -7.66
CA PRO B 9 41.02 -27.43 -7.92
C PRO B 9 40.99 -25.93 -7.56
N VAL B 10 41.58 -25.56 -6.41
CA VAL B 10 41.62 -24.16 -5.90
C VAL B 10 42.48 -23.32 -6.86
N GLN B 11 43.55 -23.89 -7.39
CA GLN B 11 44.45 -23.23 -8.38
C GLN B 11 43.66 -22.93 -9.65
N ASP B 12 42.95 -23.93 -10.19
CA ASP B 12 42.09 -23.80 -11.40
C ASP B 12 41.03 -22.74 -11.13
N LEU B 13 40.47 -22.74 -9.91
CA LEU B 13 39.43 -21.78 -9.45
C LEU B 13 39.99 -20.35 -9.51
N ILE B 14 41.20 -20.13 -8.99
CA ILE B 14 41.85 -18.79 -8.93
C ILE B 14 42.16 -18.31 -10.36
N LYS B 15 42.73 -19.18 -11.20
CA LYS B 15 43.00 -18.91 -12.64
C LYS B 15 41.71 -18.44 -13.33
N MET B 16 40.57 -19.01 -12.94
CA MET B 16 39.22 -18.71 -13.47
C MET B 16 38.76 -17.31 -12.99
N ILE B 17 38.97 -17.00 -11.71
CA ILE B 17 38.48 -15.75 -11.05
C ILE B 17 39.23 -14.53 -11.61
N PHE B 18 40.52 -14.66 -11.92
CA PHE B 18 41.41 -13.55 -12.33
C PHE B 18 41.69 -13.59 -13.84
N GLY B 19 40.98 -14.44 -14.56
CA GLY B 19 41.14 -14.53 -15.99
C GLY B 19 42.56 -14.79 -16.45
N ASP B 27 50.28 -11.80 -9.96
CA ASP B 27 50.20 -12.76 -11.11
C ASP B 27 50.40 -14.20 -10.63
N PRO B 28 51.39 -14.50 -9.74
CA PRO B 28 51.50 -15.84 -9.17
C PRO B 28 50.23 -16.23 -8.42
N ILE B 29 49.76 -17.46 -8.63
CA ILE B 29 48.45 -17.98 -8.10
C ILE B 29 48.37 -17.72 -6.60
N ASP B 30 49.41 -18.11 -5.84
CA ASP B 30 49.48 -17.97 -4.37
C ASP B 30 49.24 -16.51 -3.95
N VAL B 31 49.69 -15.55 -4.76
CA VAL B 31 49.54 -14.08 -4.49
C VAL B 31 48.09 -13.66 -4.73
N ASN B 32 47.45 -14.18 -5.79
CA ASN B 32 46.06 -13.83 -6.17
C ASN B 32 45.07 -14.45 -5.16
N TYR B 33 45.47 -15.53 -4.49
CA TYR B 33 44.69 -16.22 -3.41
C TYR B 33 44.70 -15.35 -2.15
N GLU B 34 45.85 -14.79 -1.80
CA GLU B 34 46.04 -13.86 -0.65
C GLU B 34 45.16 -12.62 -0.85
N LYS B 35 45.05 -12.16 -2.11
CA LYS B 35 44.22 -11.00 -2.53
C LYS B 35 42.72 -11.28 -2.33
N LEU B 36 42.34 -12.49 -1.91
CA LEU B 36 40.92 -12.86 -1.64
C LEU B 36 40.62 -12.80 -0.13
N LYS B 37 41.65 -12.94 0.72
CA LYS B 37 41.51 -13.03 2.19
C LYS B 37 40.37 -13.99 2.54
N THR B 38 40.27 -15.09 1.79
CA THR B 38 39.27 -16.16 1.96
C THR B 38 40.02 -17.49 2.09
N ASP B 39 39.74 -18.24 3.16
CA ASP B 39 40.21 -19.65 3.33
C ASP B 39 39.35 -20.53 2.43
N ILE B 40 39.90 -20.98 1.30
CA ILE B 40 39.19 -21.82 0.28
C ILE B 40 39.71 -23.26 0.38
N LYS B 41 38.95 -24.14 1.03
CA LYS B 41 39.22 -25.59 1.17
C LYS B 41 38.26 -26.36 0.26
N VAL B 42 38.74 -27.42 -0.39
CA VAL B 42 37.94 -28.29 -1.31
C VAL B 42 37.14 -29.29 -0.45
N VAL B 43 35.81 -29.29 -0.58
CA VAL B 43 34.91 -30.26 0.12
C VAL B 43 35.04 -31.62 -0.58
N ASP B 44 35.13 -32.70 0.19
CA ASP B 44 35.27 -34.09 -0.32
C ASP B 44 33.95 -34.53 -0.94
N ARG B 45 33.98 -35.01 -2.19
CA ARG B 45 32.78 -35.32 -3.02
C ARG B 45 32.03 -36.54 -2.47
N ASP B 46 32.66 -37.35 -1.62
CA ASP B 46 32.04 -38.53 -0.97
C ASP B 46 31.35 -38.13 0.35
N SER B 47 31.67 -36.95 0.89
CA SER B 47 31.24 -36.49 2.23
C SER B 47 29.73 -36.26 2.27
N GLU B 48 29.13 -36.36 3.47
CA GLU B 48 27.72 -35.98 3.77
C GLU B 48 27.45 -34.57 3.23
N GLU B 49 28.38 -33.63 3.44
CA GLU B 49 28.27 -32.20 3.01
C GLU B 49 28.01 -32.14 1.50
N ALA B 50 28.88 -32.78 0.71
CA ALA B 50 28.85 -32.78 -0.77
C ALA B 50 27.57 -33.45 -1.28
N GLU B 51 27.10 -34.50 -0.59
CA GLU B 51 25.86 -35.24 -0.95
C GLU B 51 24.65 -34.30 -0.82
N ILE B 52 24.49 -33.66 0.35
CA ILE B 52 23.36 -32.73 0.66
C ILE B 52 23.38 -31.57 -0.33
N ILE B 53 24.56 -30.95 -0.52
CA ILE B 53 24.78 -29.80 -1.45
C ILE B 53 24.42 -30.21 -2.88
N ARG B 54 24.86 -31.38 -3.33
CA ARG B 54 24.62 -31.90 -4.70
C ARG B 54 23.13 -32.24 -4.86
N LYS B 55 22.48 -32.62 -3.75
CA LYS B 55 21.03 -32.94 -3.69
C LYS B 55 20.20 -31.66 -3.79
N TYR B 56 20.74 -30.54 -3.30
CA TYR B 56 20.09 -29.20 -3.27
C TYR B 56 20.08 -28.61 -4.69
N VAL B 57 21.03 -29.02 -5.54
CA VAL B 57 21.16 -28.57 -6.97
C VAL B 57 20.12 -29.32 -7.83
N LYS B 58 19.98 -30.62 -7.62
CA LYS B 58 19.19 -31.54 -8.50
C LYS B 58 17.69 -31.34 -8.29
N ASN B 59 17.25 -31.10 -7.05
CA ASN B 59 15.82 -30.96 -6.67
C ASN B 59 15.31 -29.57 -7.10
N THR B 60 16.17 -28.56 -7.07
CA THR B 60 15.83 -27.13 -7.29
C THR B 60 16.04 -26.73 -8.76
N HIS B 61 16.24 -27.70 -9.65
CA HIS B 61 16.10 -27.52 -11.13
C HIS B 61 14.62 -27.29 -11.45
N ALA B 62 14.31 -26.55 -12.51
CA ALA B 62 12.95 -26.25 -12.99
C ALA B 62 12.19 -27.55 -13.27
N HIS B 68 18.62 -27.65 -20.31
CA HIS B 68 19.98 -27.72 -19.72
C HIS B 68 19.91 -28.25 -18.28
N ASP B 69 20.96 -28.96 -17.85
CA ASP B 69 21.14 -29.45 -16.45
C ASP B 69 22.47 -28.95 -15.91
N LEU B 70 22.64 -29.01 -14.59
CA LEU B 70 23.83 -28.50 -13.86
C LEU B 70 24.56 -29.68 -13.21
N GLU B 71 25.80 -29.91 -13.62
CA GLU B 71 26.72 -30.93 -13.03
C GLU B 71 27.67 -30.22 -12.07
N VAL B 72 27.76 -30.68 -10.82
CA VAL B 72 28.66 -30.09 -9.78
C VAL B 72 30.08 -30.60 -10.05
N ILE B 73 30.98 -29.71 -10.49
CA ILE B 73 32.41 -30.03 -10.75
C ILE B 73 33.15 -30.06 -9.40
N ASP B 74 33.15 -28.93 -8.69
CA ASP B 74 33.88 -28.73 -7.41
C ASP B 74 32.97 -28.02 -6.40
N ILE B 75 33.15 -28.31 -5.11
CA ILE B 75 32.49 -27.63 -3.96
C ILE B 75 33.58 -27.12 -3.02
N PHE B 76 33.66 -25.80 -2.81
CA PHE B 76 34.66 -25.16 -1.91
C PHE B 76 33.97 -24.66 -0.64
N LYS B 77 34.52 -25.03 0.53
CA LYS B 77 34.12 -24.49 1.86
C LYS B 77 34.94 -23.21 2.12
N ILE B 78 34.29 -22.04 2.02
CA ILE B 78 34.95 -20.69 2.03
C ILE B 78 34.66 -19.98 3.36
N GLU B 79 35.57 -19.08 3.76
CA GLU B 79 35.49 -18.30 5.02
C GLU B 79 36.24 -16.97 4.82
N ARG B 80 35.52 -15.92 4.42
CA ARG B 80 36.07 -14.55 4.26
C ARG B 80 36.52 -14.00 5.62
N GLU B 81 37.58 -13.18 5.63
CA GLU B 81 38.19 -12.62 6.87
C GLU B 81 37.13 -11.86 7.68
N GLY B 82 36.93 -12.26 8.94
CA GLY B 82 36.10 -11.57 9.94
C GLY B 82 34.65 -11.40 9.52
N GLU B 83 34.13 -12.26 8.62
CA GLU B 83 32.69 -12.28 8.24
C GLU B 83 31.92 -12.96 9.37
N CYS B 84 32.51 -14.00 9.98
CA CYS B 84 31.96 -14.72 11.16
CA CYS B 84 31.95 -14.71 11.16
C CYS B 84 31.71 -13.72 12.30
N GLN B 85 32.65 -12.79 12.51
CA GLN B 85 32.55 -11.71 13.52
C GLN B 85 31.38 -10.78 13.16
N ARG B 86 31.39 -10.26 11.94
CA ARG B 86 30.37 -9.30 11.42
C ARG B 86 28.96 -9.88 11.64
N TYR B 87 28.81 -11.18 11.36
CA TYR B 87 27.52 -11.92 11.32
C TYR B 87 27.00 -12.20 12.74
N LYS B 88 27.88 -12.23 13.74
CA LYS B 88 27.60 -12.78 15.10
C LYS B 88 26.29 -12.23 15.65
N PRO B 89 26.02 -10.90 15.60
CA PRO B 89 24.73 -10.36 16.04
C PRO B 89 23.48 -11.01 15.42
N PHE B 90 23.62 -11.59 14.22
CA PHE B 90 22.50 -12.18 13.42
C PHE B 90 22.57 -13.72 13.42
N LYS B 91 23.66 -14.32 13.89
CA LYS B 91 23.76 -15.78 14.17
C LYS B 91 22.64 -16.16 15.16
N GLN B 92 22.38 -15.30 16.15
CA GLN B 92 21.32 -15.48 17.19
C GLN B 92 19.94 -15.52 16.53
N LEU B 93 19.71 -14.71 15.49
CA LEU B 93 18.39 -14.52 14.82
C LEU B 93 17.88 -15.87 14.28
N HIS B 94 16.58 -16.12 14.43
CA HIS B 94 15.87 -17.33 13.95
C HIS B 94 15.74 -17.29 12.43
N ASN B 95 15.23 -18.37 11.83
CA ASN B 95 14.92 -18.48 10.38
C ASN B 95 16.19 -18.17 9.57
N ARG B 96 17.21 -19.01 9.71
CA ARG B 96 18.50 -18.93 8.98
C ARG B 96 18.54 -20.03 7.92
N ARG B 97 18.55 -19.65 6.64
CA ARG B 97 18.47 -20.59 5.50
C ARG B 97 19.76 -20.48 4.67
N LEU B 98 20.27 -21.63 4.22
CA LEU B 98 21.34 -21.72 3.20
C LEU B 98 20.69 -21.49 1.84
N LEU B 99 21.05 -20.41 1.14
CA LEU B 99 20.38 -19.95 -0.10
C LEU B 99 21.41 -19.59 -1.17
N TRP B 100 21.03 -19.75 -2.44
CA TRP B 100 21.87 -19.50 -3.64
C TRP B 100 21.99 -18.00 -3.91
N HIS B 101 23.21 -17.52 -4.15
CA HIS B 101 23.50 -16.25 -4.88
C HIS B 101 24.37 -16.57 -6.09
N GLY B 102 23.85 -16.29 -7.29
CA GLY B 102 24.60 -16.39 -8.56
C GLY B 102 25.05 -15.02 -9.02
N SER B 103 26.33 -14.90 -9.38
CA SER B 103 26.93 -13.69 -10.01
C SER B 103 27.75 -14.11 -11.22
N ARG B 104 28.25 -13.15 -12.00
CA ARG B 104 29.17 -13.41 -13.14
C ARG B 104 30.55 -13.74 -12.58
N THR B 105 31.37 -14.45 -13.35
CA THR B 105 32.71 -14.98 -12.93
C THR B 105 33.69 -13.82 -12.70
N THR B 106 33.50 -12.69 -13.39
CA THR B 106 34.37 -11.48 -13.27
C THR B 106 34.20 -10.86 -11.88
N ASN B 107 33.02 -10.97 -11.26
CA ASN B 107 32.64 -10.29 -10.00
C ASN B 107 33.28 -10.99 -8.79
N PHE B 108 33.57 -12.29 -8.88
CA PHE B 108 33.86 -13.16 -7.70
C PHE B 108 35.17 -12.75 -7.02
N ALA B 109 36.07 -12.07 -7.72
CA ALA B 109 37.29 -11.47 -7.15
C ALA B 109 36.90 -10.47 -6.05
N GLY B 110 36.02 -9.53 -6.37
CA GLY B 110 35.52 -8.49 -5.44
C GLY B 110 34.61 -9.05 -4.36
N ILE B 111 33.78 -10.03 -4.72
CA ILE B 111 32.80 -10.69 -3.79
C ILE B 111 33.57 -11.34 -2.64
N LEU B 112 34.50 -12.25 -2.94
CA LEU B 112 35.30 -12.99 -1.94
C LEU B 112 36.22 -12.01 -1.20
N SER B 113 36.72 -10.99 -1.89
CA SER B 113 37.57 -9.92 -1.33
C SER B 113 36.78 -9.10 -0.30
N GLN B 114 35.61 -8.58 -0.69
CA GLN B 114 34.85 -7.57 0.10
C GLN B 114 33.38 -8.01 0.29
N GLY B 115 33.07 -9.29 0.15
CA GLY B 115 31.74 -9.86 0.42
C GLY B 115 30.67 -9.36 -0.55
N LEU B 116 29.41 -9.74 -0.30
CA LEU B 116 28.21 -9.19 -0.97
C LEU B 116 27.86 -7.84 -0.33
N ARG B 117 27.90 -6.77 -1.11
CA ARG B 117 27.57 -5.38 -0.66
C ARG B 117 26.23 -4.98 -1.26
N ILE B 118 25.73 -3.81 -0.85
CA ILE B 118 24.46 -3.21 -1.37
C ILE B 118 24.83 -1.92 -2.11
N ALA B 119 24.33 -1.75 -3.34
CA ALA B 119 24.50 -0.54 -4.17
C ALA B 119 23.84 0.64 -3.46
N PRO B 120 24.45 1.85 -3.47
CA PRO B 120 23.90 3.00 -2.76
C PRO B 120 22.59 3.47 -3.36
N PRO B 121 21.76 4.23 -2.61
CA PRO B 121 20.48 4.74 -3.12
C PRO B 121 20.65 5.73 -4.29
N GLU B 122 21.72 6.54 -4.26
CA GLU B 122 22.07 7.52 -5.33
C GLU B 122 22.20 6.80 -6.68
N ALA B 123 22.76 5.60 -6.70
CA ALA B 123 23.08 4.81 -7.93
C ALA B 123 21.78 4.42 -8.63
N PRO B 124 21.65 4.70 -9.95
CA PRO B 124 20.42 4.41 -10.69
C PRO B 124 20.18 2.90 -10.87
N VAL B 125 18.97 2.45 -10.48
CA VAL B 125 18.58 1.01 -10.39
C VAL B 125 17.33 0.77 -11.24
N THR B 126 17.42 -0.16 -12.20
CA THR B 126 16.32 -0.57 -13.11
C THR B 126 16.14 -2.09 -13.03
N GLY B 127 14.89 -2.56 -12.96
CA GLY B 127 14.54 -4.00 -12.94
C GLY B 127 14.79 -4.64 -11.58
N TYR B 128 15.09 -3.85 -10.55
CA TYR B 128 15.20 -4.30 -9.14
C TYR B 128 13.78 -4.47 -8.59
N MET B 129 13.39 -5.70 -8.27
CA MET B 129 12.01 -6.06 -7.85
C MET B 129 11.72 -5.46 -6.48
N PHE B 130 12.60 -5.71 -5.49
CA PHE B 130 12.37 -5.40 -4.06
C PHE B 130 13.48 -4.48 -3.53
N GLY B 131 13.83 -3.46 -4.32
CA GLY B 131 14.76 -2.39 -3.91
C GLY B 131 16.21 -2.86 -3.85
N LYS B 132 17.09 -2.00 -3.37
CA LYS B 132 18.56 -2.23 -3.29
C LYS B 132 18.88 -2.98 -1.99
N GLY B 133 19.07 -4.30 -2.10
CA GLY B 133 19.55 -5.20 -1.03
C GLY B 133 20.36 -6.34 -1.62
N ILE B 134 20.52 -7.44 -0.87
CA ILE B 134 21.23 -8.67 -1.35
C ILE B 134 20.19 -9.78 -1.57
N TYR B 135 19.99 -10.17 -2.83
CA TYR B 135 18.96 -11.15 -3.28
C TYR B 135 19.53 -12.57 -3.23
N PHE B 136 18.66 -13.54 -2.93
CA PHE B 136 18.98 -15.00 -2.88
C PHE B 136 17.80 -15.81 -3.41
N ALA B 137 18.09 -17.00 -3.94
CA ALA B 137 17.10 -17.95 -4.52
C ALA B 137 17.19 -19.28 -3.77
N ASP B 138 16.05 -19.88 -3.45
CA ASP B 138 15.95 -21.24 -2.85
C ASP B 138 16.14 -22.28 -3.97
N MET B 139 15.81 -21.90 -5.21
CA MET B 139 16.00 -22.74 -6.42
C MET B 139 17.30 -22.32 -7.13
N VAL B 140 18.16 -23.29 -7.46
CA VAL B 140 19.53 -23.07 -8.03
C VAL B 140 19.40 -22.51 -9.45
N SER B 141 18.46 -23.05 -10.25
CA SER B 141 18.25 -22.69 -11.66
C SER B 141 18.00 -21.17 -11.79
N LYS B 142 17.34 -20.57 -10.80
CA LYS B 142 17.05 -19.11 -10.70
C LYS B 142 18.37 -18.34 -10.51
N SER B 143 19.15 -18.69 -9.49
CA SER B 143 20.46 -18.05 -9.17
C SER B 143 21.44 -18.27 -10.33
N ALA B 144 21.40 -19.46 -10.95
CA ALA B 144 22.26 -19.88 -12.08
C ALA B 144 22.15 -18.87 -13.24
N ASN B 145 20.97 -18.28 -13.44
CA ASN B 145 20.65 -17.35 -14.56
C ASN B 145 21.44 -16.05 -14.45
N TYR B 146 22.13 -15.81 -13.34
CA TYR B 146 22.91 -14.56 -13.09
C TYR B 146 24.40 -14.80 -13.35
N CYS B 147 24.81 -16.07 -13.50
CA CYS B 147 26.18 -16.47 -13.93
C CYS B 147 26.42 -16.00 -15.37
N HIS B 148 25.38 -16.00 -16.21
CA HIS B 148 25.41 -15.55 -17.62
C HIS B 148 26.46 -16.35 -18.40
N THR B 149 26.47 -17.68 -18.22
CA THR B 149 27.39 -18.62 -18.91
C THR B 149 26.83 -18.88 -20.32
N SER B 150 27.71 -18.96 -21.32
CA SER B 150 27.39 -19.37 -22.72
C SER B 150 27.97 -20.75 -23.00
N GLN B 151 27.59 -21.37 -24.11
CA GLN B 151 28.08 -22.71 -24.55
C GLN B 151 29.60 -22.65 -24.75
N GLY B 152 30.13 -21.49 -25.18
CA GLY B 152 31.56 -21.24 -25.42
C GLY B 152 32.40 -21.45 -24.17
N ASP B 153 31.96 -20.88 -23.03
CA ASP B 153 32.63 -21.01 -21.71
C ASP B 153 31.61 -21.48 -20.68
N PRO B 154 31.21 -22.77 -20.71
CA PRO B 154 30.04 -23.25 -19.96
C PRO B 154 30.26 -23.59 -18.48
N ILE B 155 31.24 -22.95 -17.83
CA ILE B 155 31.51 -23.09 -16.37
C ILE B 155 31.02 -21.82 -15.66
N GLY B 156 30.27 -21.99 -14.57
CA GLY B 156 29.71 -20.89 -13.76
C GLY B 156 30.01 -21.09 -12.29
N LEU B 157 30.10 -19.98 -11.54
CA LEU B 157 30.29 -19.97 -10.06
C LEU B 157 28.97 -19.58 -9.39
N ILE B 158 28.68 -20.18 -8.23
CA ILE B 158 27.44 -19.89 -7.44
C ILE B 158 27.76 -20.11 -5.95
N LEU B 159 27.41 -19.14 -5.11
CA LEU B 159 27.62 -19.20 -3.64
C LEU B 159 26.44 -19.90 -2.99
N LEU B 160 26.67 -20.55 -1.85
CA LEU B 160 25.63 -20.86 -0.84
C LEU B 160 25.91 -20.00 0.40
N GLY B 161 25.00 -19.07 0.71
CA GLY B 161 25.11 -18.16 1.87
C GLY B 161 24.13 -18.51 2.97
N GLU B 162 24.60 -18.59 4.21
CA GLU B 162 23.73 -18.60 5.42
C GLU B 162 23.15 -17.20 5.57
N VAL B 163 21.85 -17.05 5.30
CA VAL B 163 21.12 -15.74 5.31
C VAL B 163 20.14 -15.74 6.50
N ALA B 164 20.41 -14.91 7.51
CA ALA B 164 19.56 -14.74 8.71
C ALA B 164 18.32 -13.89 8.33
N LEU B 165 17.21 -14.57 8.01
CA LEU B 165 15.98 -13.95 7.44
C LEU B 165 14.99 -13.55 8.54
N GLY B 166 15.11 -14.12 9.75
CA GLY B 166 14.23 -13.82 10.90
C GLY B 166 12.77 -13.79 10.47
N ASN B 167 12.04 -12.73 10.84
CA ASN B 167 10.66 -12.47 10.36
C ASN B 167 10.73 -11.93 8.93
N MET B 168 10.18 -12.67 7.96
CA MET B 168 10.19 -12.31 6.52
C MET B 168 8.94 -11.47 6.21
N TYR B 169 9.13 -10.36 5.50
CA TYR B 169 8.05 -9.54 4.88
C TYR B 169 7.75 -10.14 3.50
N GLU B 170 6.62 -10.84 3.37
CA GLU B 170 6.31 -11.73 2.21
C GLU B 170 5.44 -10.99 1.19
N LEU B 171 6.08 -10.51 0.11
CA LEU B 171 5.43 -9.80 -1.03
C LEU B 171 5.34 -10.76 -2.22
N LYS B 172 4.56 -10.39 -3.23
CA LYS B 172 4.39 -11.15 -4.50
C LYS B 172 4.40 -10.20 -5.70
N HIS B 173 4.72 -8.92 -5.48
CA HIS B 173 4.75 -7.86 -6.53
C HIS B 173 5.90 -6.88 -6.22
N ALA B 174 6.48 -6.29 -7.26
CA ALA B 174 7.57 -5.28 -7.17
C ALA B 174 7.18 -4.21 -6.13
N SER B 175 8.15 -3.75 -5.34
CA SER B 175 7.97 -2.79 -4.22
C SER B 175 9.32 -2.23 -3.79
N HIS B 176 9.61 -0.95 -4.09
CA HIS B 176 10.88 -0.27 -3.75
C HIS B 176 10.93 -0.10 -2.22
N ILE B 177 11.70 -0.96 -1.55
CA ILE B 177 11.80 -1.06 -0.06
C ILE B 177 12.83 -0.04 0.45
N SER B 178 12.36 1.01 1.13
CA SER B 178 13.19 2.02 1.83
C SER B 178 13.62 1.46 3.18
N LYS B 179 12.64 1.13 4.03
CA LYS B 179 12.83 0.52 5.38
C LYS B 179 11.79 -0.60 5.55
N LEU B 180 12.14 -1.63 6.32
CA LEU B 180 11.26 -2.80 6.57
C LEU B 180 10.24 -2.45 7.65
N PRO B 181 8.97 -2.89 7.52
CA PRO B 181 8.01 -2.85 8.62
C PRO B 181 8.64 -3.29 9.96
N LYS B 182 8.33 -2.58 11.05
CA LYS B 182 8.85 -2.87 12.41
C LYS B 182 8.61 -4.35 12.74
N GLY B 183 9.68 -5.08 13.06
CA GLY B 183 9.63 -6.51 13.43
C GLY B 183 10.10 -7.41 12.32
N LYS B 184 10.03 -6.95 11.05
CA LYS B 184 10.48 -7.70 9.85
C LYS B 184 12.00 -7.54 9.71
N HIS B 185 12.70 -8.62 9.36
CA HIS B 185 14.19 -8.69 9.26
C HIS B 185 14.64 -8.95 7.82
N SER B 186 13.71 -9.18 6.90
CA SER B 186 14.01 -9.55 5.49
C SER B 186 12.75 -9.41 4.63
N VAL B 187 12.92 -9.50 3.30
CA VAL B 187 11.82 -9.65 2.31
C VAL B 187 11.91 -11.06 1.72
N LYS B 188 10.76 -11.65 1.40
CA LYS B 188 10.66 -12.90 0.61
C LYS B 188 9.60 -12.72 -0.49
N GLY B 189 10.05 -12.52 -1.73
CA GLY B 189 9.20 -12.66 -2.92
C GLY B 189 8.60 -14.06 -2.97
N LEU B 190 7.28 -14.17 -3.15
CA LEU B 190 6.55 -15.46 -3.18
C LEU B 190 6.39 -15.90 -4.64
N GLY B 191 7.07 -16.98 -5.03
CA GLY B 191 7.05 -17.52 -6.40
C GLY B 191 5.92 -18.51 -6.60
N LYS B 192 5.59 -18.82 -7.86
CA LYS B 192 4.57 -19.83 -8.25
C LYS B 192 5.09 -21.24 -7.90
N THR B 193 6.41 -21.41 -7.87
CA THR B 193 7.13 -22.68 -7.53
C THR B 193 7.94 -22.47 -6.25
N THR B 194 8.07 -23.53 -5.44
CA THR B 194 8.82 -23.52 -4.15
C THR B 194 9.23 -24.94 -3.79
N PRO B 195 10.44 -25.16 -3.22
CA PRO B 195 10.83 -26.48 -2.73
C PRO B 195 9.80 -27.09 -1.77
N ASP B 196 9.65 -28.42 -1.80
CA ASP B 196 8.80 -29.20 -0.87
C ASP B 196 9.16 -28.83 0.57
N PRO B 197 8.29 -28.13 1.31
CA PRO B 197 8.58 -27.76 2.70
C PRO B 197 8.94 -28.96 3.60
N SER B 198 8.31 -30.12 3.37
CA SER B 198 8.43 -31.35 4.22
C SER B 198 9.82 -31.98 4.05
N ALA B 199 10.48 -31.76 2.91
CA ALA B 199 11.83 -32.29 2.60
C ALA B 199 12.92 -31.33 3.10
N ASN B 200 12.53 -30.31 3.88
CA ASN B 200 13.49 -29.40 4.58
C ASN B 200 14.30 -30.23 5.59
N ILE B 201 15.61 -30.01 5.61
CA ILE B 201 16.58 -30.66 6.55
C ILE B 201 17.39 -29.53 7.23
N SER B 202 18.16 -29.89 8.25
CA SER B 202 19.07 -28.98 9.00
C SER B 202 20.52 -29.32 8.66
N LEU B 203 21.34 -28.30 8.37
CA LEU B 203 22.81 -28.42 8.19
C LEU B 203 23.50 -27.34 9.03
N ASP B 204 24.05 -27.73 10.19
CA ASP B 204 24.71 -26.85 11.18
C ASP B 204 23.71 -25.81 11.69
N GLY B 205 22.50 -26.25 12.07
CA GLY B 205 21.43 -25.41 12.64
C GLY B 205 20.88 -24.41 11.64
N VAL B 206 21.14 -24.61 10.34
CA VAL B 206 20.67 -23.76 9.21
C VAL B 206 19.84 -24.64 8.28
N ASP B 207 18.60 -24.22 7.97
CA ASP B 207 17.65 -25.01 7.14
C ASP B 207 18.08 -24.93 5.67
N VAL B 208 18.07 -26.07 4.98
CA VAL B 208 18.40 -26.19 3.53
C VAL B 208 17.12 -26.55 2.78
N PRO B 209 16.46 -25.60 2.08
CA PRO B 209 15.22 -25.90 1.37
C PRO B 209 15.51 -26.69 0.07
N LEU B 210 15.86 -27.97 0.20
CA LEU B 210 16.36 -28.82 -0.92
C LEU B 210 15.29 -29.81 -1.37
N GLY B 211 14.02 -29.57 -1.03
CA GLY B 211 12.87 -30.30 -1.60
C GLY B 211 12.72 -29.98 -3.08
N THR B 212 11.99 -30.81 -3.83
CA THR B 212 11.71 -30.62 -5.28
C THR B 212 10.70 -29.49 -5.47
N GLY B 213 10.85 -28.69 -6.52
CA GLY B 213 9.92 -27.61 -6.89
C GLY B 213 8.50 -28.13 -7.04
N ILE B 214 7.55 -27.53 -6.31
CA ILE B 214 6.09 -27.89 -6.32
C ILE B 214 5.26 -26.61 -6.44
N SER B 215 3.97 -26.74 -6.75
CA SER B 215 2.98 -25.63 -6.78
C SER B 215 2.81 -25.08 -5.35
N SER B 216 3.30 -23.86 -5.11
CA SER B 216 3.33 -23.19 -3.78
C SER B 216 1.91 -23.03 -3.22
N GLY B 217 0.94 -22.74 -4.11
CA GLY B 217 -0.45 -22.40 -3.75
C GLY B 217 -0.71 -20.91 -3.88
N VAL B 218 0.35 -20.11 -3.90
CA VAL B 218 0.31 -18.63 -4.13
C VAL B 218 -0.08 -18.43 -5.60
N ASN B 219 -1.12 -17.64 -5.88
CA ASN B 219 -1.81 -17.59 -7.20
C ASN B 219 -1.51 -16.28 -7.94
N ASP B 220 -1.67 -15.12 -7.28
CA ASP B 220 -1.72 -13.78 -7.93
C ASP B 220 -0.34 -13.11 -7.88
N THR B 221 0.73 -13.83 -8.20
CA THR B 221 2.14 -13.40 -7.96
C THR B 221 2.86 -13.12 -9.29
N SER B 222 3.80 -12.18 -9.25
CA SER B 222 4.66 -11.74 -10.40
C SER B 222 5.85 -12.69 -10.57
N LEU B 223 6.11 -13.55 -9.55
CA LEU B 223 7.34 -14.38 -9.45
C LEU B 223 7.03 -15.84 -9.80
N LEU B 224 7.92 -16.48 -10.55
CA LEU B 224 7.94 -17.96 -10.82
C LEU B 224 8.63 -18.66 -9.65
N TYR B 225 9.69 -18.03 -9.13
CA TYR B 225 10.60 -18.57 -8.08
C TYR B 225 10.70 -17.59 -6.92
N ASN B 226 10.87 -18.10 -5.70
CA ASN B 226 11.07 -17.29 -4.47
C ASN B 226 12.39 -16.53 -4.57
N GLU B 227 12.38 -15.24 -4.22
CA GLU B 227 13.59 -14.41 -3.96
C GLU B 227 13.64 -14.09 -2.47
N TYR B 228 14.84 -14.04 -1.87
CA TYR B 228 15.08 -13.59 -0.47
C TYR B 228 16.06 -12.42 -0.48
N ILE B 229 15.63 -11.27 0.07
CA ILE B 229 16.43 -10.00 0.08
C ILE B 229 16.69 -9.58 1.53
N VAL B 230 17.92 -9.16 1.83
CA VAL B 230 18.31 -8.51 3.12
C VAL B 230 19.00 -7.19 2.79
N TYR B 231 18.84 -6.19 3.66
CA TYR B 231 19.25 -4.77 3.45
C TYR B 231 20.31 -4.40 4.50
N ASP B 232 21.02 -5.40 5.02
CA ASP B 232 22.21 -5.29 5.91
C ASP B 232 23.19 -6.41 5.55
N ILE B 233 24.44 -6.06 5.24
CA ILE B 233 25.49 -7.03 4.78
C ILE B 233 25.89 -7.96 5.94
N ALA B 234 25.66 -7.53 7.18
CA ALA B 234 25.96 -8.31 8.41
C ALA B 234 25.05 -9.53 8.51
N GLN B 235 23.89 -9.53 7.85
CA GLN B 235 22.90 -10.64 7.89
C GLN B 235 23.39 -11.85 7.08
N VAL B 236 24.40 -11.69 6.22
CA VAL B 236 24.90 -12.73 5.27
C VAL B 236 26.26 -13.26 5.78
N ASN B 237 26.50 -14.56 5.62
CA ASN B 237 27.72 -15.26 6.08
C ASN B 237 28.01 -16.44 5.13
N LEU B 238 28.83 -16.20 4.09
CA LEU B 238 29.07 -17.15 2.97
C LEU B 238 29.67 -18.46 3.50
N LYS B 239 29.19 -19.61 3.01
CA LYS B 239 29.57 -20.95 3.51
C LYS B 239 30.31 -21.73 2.43
N TYR B 240 29.72 -21.86 1.23
CA TYR B 240 30.27 -22.67 0.11
C TYR B 240 30.28 -21.88 -1.20
N LEU B 241 31.07 -22.36 -2.17
CA LEU B 241 31.19 -21.82 -3.55
C LEU B 241 31.30 -23.00 -4.52
N LEU B 242 30.38 -23.08 -5.48
CA LEU B 242 30.26 -24.22 -6.43
C LEU B 242 30.72 -23.78 -7.83
N LYS B 243 31.69 -24.52 -8.38
CA LYS B 243 32.07 -24.50 -9.82
C LYS B 243 31.12 -25.44 -10.57
N LEU B 244 30.25 -24.90 -11.43
CA LEU B 244 29.13 -25.64 -12.09
C LEU B 244 29.33 -25.66 -13.62
N LYS B 245 29.22 -26.85 -14.23
CA LYS B 245 29.14 -27.03 -15.70
C LYS B 245 27.67 -26.92 -16.13
N PHE B 246 27.41 -26.11 -17.18
CA PHE B 246 26.07 -25.87 -17.76
C PHE B 246 25.92 -26.73 -19.03
N ASN B 247 25.16 -27.83 -18.93
CA ASN B 247 24.94 -28.81 -20.03
C ASN B 247 23.76 -28.37 -20.89
N PHE B 248 24.02 -27.62 -21.97
CA PHE B 248 23.01 -27.06 -22.90
C PHE B 248 22.42 -28.18 -23.76
N THR C 2 -42.31 -13.76 36.19
CA THR C 2 -41.62 -12.53 35.80
C THR C 2 -40.43 -12.20 36.70
N LYS C 3 -39.61 -13.19 37.04
CA LYS C 3 -38.41 -12.95 37.85
C LYS C 3 -37.36 -14.02 37.54
N SER C 4 -36.17 -13.63 37.11
CA SER C 4 -35.15 -14.61 36.72
C SER C 4 -34.04 -14.80 37.75
N LYS C 5 -33.27 -15.87 37.66
CA LYS C 5 -32.26 -16.13 38.72
C LYS C 5 -30.87 -15.74 38.22
N LEU C 6 -30.80 -15.06 37.07
CA LEU C 6 -29.54 -14.55 36.46
C LEU C 6 -29.20 -13.19 37.07
N PRO C 7 -27.91 -12.76 37.08
CA PRO C 7 -27.56 -11.41 37.49
C PRO C 7 -28.18 -10.35 36.55
N LYS C 8 -28.34 -9.12 37.05
CA LYS C 8 -29.07 -8.00 36.38
C LYS C 8 -28.41 -7.67 35.04
N PRO C 9 -27.07 -7.60 34.93
CA PRO C 9 -26.42 -7.29 33.66
C PRO C 9 -26.66 -8.36 32.58
N VAL C 10 -26.75 -9.64 32.99
CA VAL C 10 -27.01 -10.80 32.08
C VAL C 10 -28.45 -10.68 31.55
N GLN C 11 -29.38 -10.28 32.43
CA GLN C 11 -30.82 -10.10 32.09
C GLN C 11 -30.95 -8.99 31.03
N ASP C 12 -30.43 -7.80 31.35
CA ASP C 12 -30.40 -6.63 30.43
C ASP C 12 -29.80 -7.06 29.09
N LEU C 13 -28.68 -7.79 29.13
CA LEU C 13 -27.96 -8.31 27.95
C LEU C 13 -28.93 -9.12 27.07
N ILE C 14 -29.68 -10.04 27.67
CA ILE C 14 -30.62 -10.95 26.96
C ILE C 14 -31.79 -10.14 26.38
N LYS C 15 -32.34 -9.20 27.17
CA LYS C 15 -33.43 -8.27 26.75
C LYS C 15 -32.98 -7.48 25.51
N MET C 16 -31.69 -7.11 25.46
CA MET C 16 -31.05 -6.35 24.35
C MET C 16 -30.97 -7.21 23.08
N ILE C 17 -30.42 -8.43 23.21
CA ILE C 17 -30.15 -9.38 22.08
C ILE C 17 -31.45 -9.67 21.33
N PHE C 18 -32.50 -10.08 22.03
CA PHE C 18 -33.77 -10.61 21.46
C PHE C 18 -34.76 -9.47 21.16
N PRO C 28 -39.86 -15.49 28.33
CA PRO C 28 -39.23 -15.39 29.66
C PRO C 28 -37.70 -15.34 29.52
N ILE C 29 -37.04 -14.47 30.30
CA ILE C 29 -35.58 -14.16 30.19
C ILE C 29 -34.79 -15.47 30.29
N ASP C 30 -35.07 -16.30 31.30
CA ASP C 30 -34.36 -17.57 31.57
C ASP C 30 -34.46 -18.51 30.35
N VAL C 31 -35.62 -18.51 29.66
CA VAL C 31 -35.89 -19.37 28.48
C VAL C 31 -35.00 -18.92 27.31
N ASN C 32 -34.93 -17.60 27.07
CA ASN C 32 -34.13 -16.97 25.98
C ASN C 32 -32.64 -17.21 26.23
N TYR C 33 -32.23 -17.28 27.51
CA TYR C 33 -30.83 -17.56 27.95
C TYR C 33 -30.44 -18.99 27.55
N GLU C 34 -31.36 -19.94 27.74
CA GLU C 34 -31.18 -21.39 27.46
C GLU C 34 -31.05 -21.62 25.95
N LYS C 35 -31.73 -20.80 25.14
CA LYS C 35 -31.75 -20.90 23.65
C LYS C 35 -30.37 -20.58 23.07
N LEU C 36 -29.49 -19.92 23.84
CA LEU C 36 -28.12 -19.52 23.44
C LEU C 36 -27.16 -20.71 23.62
N LYS C 37 -27.45 -21.62 24.55
CA LYS C 37 -26.58 -22.75 24.95
C LYS C 37 -25.16 -22.22 25.21
N THR C 38 -25.09 -21.04 25.84
CA THR C 38 -23.84 -20.33 26.19
C THR C 38 -23.92 -19.94 27.67
N ASP C 39 -22.97 -20.41 28.48
CA ASP C 39 -22.78 -19.95 29.89
C ASP C 39 -22.23 -18.53 29.83
N ILE C 40 -22.94 -17.57 30.44
CA ILE C 40 -22.61 -16.11 30.41
C ILE C 40 -22.45 -15.62 31.85
N LYS C 41 -21.21 -15.53 32.33
CA LYS C 41 -20.84 -15.02 33.68
C LYS C 41 -20.27 -13.61 33.54
N VAL C 42 -20.64 -12.70 34.46
CA VAL C 42 -20.18 -11.28 34.48
C VAL C 42 -18.77 -11.23 35.05
N VAL C 43 -17.82 -10.63 34.31
CA VAL C 43 -16.42 -10.40 34.75
C VAL C 43 -16.40 -9.18 35.67
N ASP C 44 -15.97 -9.35 36.92
CA ASP C 44 -15.88 -8.28 37.95
C ASP C 44 -14.98 -7.16 37.42
N ARG C 45 -15.45 -5.91 37.45
CA ARG C 45 -14.81 -4.74 36.80
C ARG C 45 -13.45 -4.44 37.45
N ASP C 46 -13.29 -4.71 38.75
CA ASP C 46 -12.05 -4.43 39.52
C ASP C 46 -10.98 -5.50 39.23
N SER C 47 -11.38 -6.69 38.77
CA SER C 47 -10.52 -7.88 38.60
C SER C 47 -9.41 -7.62 37.58
N GLU C 48 -8.36 -8.45 37.62
CA GLU C 48 -7.23 -8.49 36.64
C GLU C 48 -7.80 -8.48 35.21
N GLU C 49 -8.68 -9.44 34.90
CA GLU C 49 -9.25 -9.67 33.54
C GLU C 49 -9.85 -8.37 32.98
N ALA C 50 -10.73 -7.72 33.75
CA ALA C 50 -11.43 -6.47 33.38
C ALA C 50 -10.40 -5.39 33.01
N GLU C 51 -9.35 -5.23 33.84
CA GLU C 51 -8.30 -4.19 33.69
C GLU C 51 -7.58 -4.35 32.33
N ILE C 52 -7.14 -5.56 32.01
CA ILE C 52 -6.46 -5.93 30.74
C ILE C 52 -7.41 -5.65 29.58
N ILE C 53 -8.62 -6.18 29.64
CA ILE C 53 -9.68 -6.08 28.58
C ILE C 53 -10.02 -4.60 28.35
N ARG C 54 -10.13 -3.80 29.43
CA ARG C 54 -10.45 -2.35 29.36
C ARG C 54 -9.24 -1.59 28.79
N LYS C 55 -8.02 -2.05 29.11
CA LYS C 55 -6.75 -1.53 28.55
C LYS C 55 -6.70 -1.82 27.05
N TYR C 56 -7.14 -2.98 26.61
CA TYR C 56 -7.12 -3.35 25.21
C TYR C 56 -7.95 -2.37 24.42
N VAL C 57 -9.16 -2.10 24.87
CA VAL C 57 -10.10 -1.16 24.17
C VAL C 57 -9.44 0.20 24.02
N LYS C 58 -8.99 0.80 25.14
CA LYS C 58 -8.53 2.21 25.21
C LYS C 58 -7.28 2.44 24.36
N ASN C 59 -6.33 1.49 24.38
CA ASN C 59 -5.03 1.58 23.68
C ASN C 59 -5.22 1.31 22.18
N THR C 60 -6.09 0.36 21.80
CA THR C 60 -6.38 0.02 20.39
C THR C 60 -7.33 1.01 19.73
N HIS C 61 -7.87 1.95 20.47
CA HIS C 61 -8.66 3.09 19.93
C HIS C 61 -7.88 3.78 18.81
N ALA C 62 -8.55 4.08 17.69
CA ALA C 62 -8.01 4.82 16.53
C ALA C 62 -7.53 6.21 16.99
N HIS C 68 -14.77 10.19 18.41
CA HIS C 68 -15.58 9.40 19.38
C HIS C 68 -14.66 8.52 20.25
N ASP C 69 -15.18 8.01 21.37
CA ASP C 69 -14.49 7.05 22.27
C ASP C 69 -15.38 5.82 22.44
N LEU C 70 -15.01 4.91 23.36
CA LEU C 70 -15.81 3.70 23.73
C LEU C 70 -15.65 3.44 25.23
N GLU C 71 -16.75 3.47 25.98
CA GLU C 71 -16.78 3.10 27.42
C GLU C 71 -17.21 1.65 27.56
N VAL C 72 -16.48 0.86 28.36
CA VAL C 72 -16.81 -0.56 28.69
C VAL C 72 -17.83 -0.57 29.82
N ILE C 73 -19.11 -0.81 29.50
CA ILE C 73 -20.22 -0.88 30.50
C ILE C 73 -20.07 -2.21 31.25
N ASP C 74 -20.13 -3.34 30.53
CA ASP C 74 -20.14 -4.71 31.10
C ASP C 74 -19.22 -5.62 30.29
N ILE C 75 -18.58 -6.57 30.98
CA ILE C 75 -17.68 -7.62 30.40
C ILE C 75 -18.22 -8.99 30.83
N PHE C 76 -18.55 -9.86 29.87
CA PHE C 76 -19.10 -11.22 30.11
C PHE C 76 -18.11 -12.27 29.60
N LYS C 77 -17.79 -13.26 30.45
CA LYS C 77 -16.96 -14.45 30.10
C LYS C 77 -17.89 -15.54 29.57
N ILE C 78 -17.90 -15.76 28.24
CA ILE C 78 -18.87 -16.65 27.54
C ILE C 78 -18.19 -17.98 27.16
N GLU C 79 -18.94 -19.07 27.20
CA GLU C 79 -18.52 -20.43 26.80
C GLU C 79 -19.69 -21.13 26.09
N ARG C 80 -19.69 -21.14 24.76
CA ARG C 80 -20.70 -21.82 23.92
C ARG C 80 -20.56 -23.34 24.08
N GLU C 81 -21.69 -24.06 24.03
CA GLU C 81 -21.73 -25.55 24.19
C GLU C 81 -20.81 -26.22 23.16
N GLY C 82 -19.89 -27.06 23.64
CA GLY C 82 -18.97 -27.86 22.82
C GLY C 82 -18.27 -27.05 21.73
N GLU C 83 -17.79 -25.85 22.08
CA GLU C 83 -16.83 -25.07 21.26
C GLU C 83 -15.42 -25.39 21.75
N CYS C 84 -15.27 -25.54 23.08
CA CYS C 84 -14.02 -26.00 23.74
CA CYS C 84 -14.01 -25.99 23.74
C CYS C 84 -13.51 -27.28 23.07
N GLN C 85 -14.41 -28.25 22.88
CA GLN C 85 -14.13 -29.57 22.23
C GLN C 85 -13.78 -29.35 20.75
N ARG C 86 -14.62 -28.61 20.03
CA ARG C 86 -14.47 -28.32 18.57
C ARG C 86 -13.10 -27.68 18.31
N TYR C 87 -12.63 -26.83 19.23
CA TYR C 87 -11.41 -25.99 19.10
C TYR C 87 -10.15 -26.81 19.41
N LYS C 88 -10.29 -27.88 20.20
CA LYS C 88 -9.16 -28.60 20.87
C LYS C 88 -8.04 -28.94 19.87
N PRO C 89 -8.32 -29.50 18.68
CA PRO C 89 -7.27 -29.79 17.70
C PRO C 89 -6.41 -28.59 17.30
N PHE C 90 -6.96 -27.37 17.42
CA PHE C 90 -6.30 -26.09 17.04
C PHE C 90 -5.73 -25.39 18.27
N LYS C 91 -5.93 -25.89 19.48
CA LYS C 91 -5.30 -25.28 20.66
C LYS C 91 -3.84 -25.57 20.56
N GLN C 92 -3.52 -26.72 20.03
CA GLN C 92 -2.12 -27.15 19.87
C GLN C 92 -1.37 -26.21 18.93
N LEU C 93 -2.06 -25.44 18.10
CA LEU C 93 -1.41 -24.56 17.14
C LEU C 93 -0.82 -23.28 17.65
N HIS C 94 0.08 -22.70 16.89
CA HIS C 94 0.71 -21.45 17.26
C HIS C 94 -0.09 -20.24 16.83
N ASN C 95 0.38 -19.06 17.17
CA ASN C 95 -0.32 -17.83 16.83
C ASN C 95 -1.73 -17.76 17.31
N ARG C 96 -1.93 -18.00 18.59
CA ARG C 96 -3.25 -17.85 19.19
C ARG C 96 -3.35 -16.43 19.73
N ARG C 97 -4.17 -15.59 19.11
CA ARG C 97 -4.31 -14.16 19.49
C ARG C 97 -5.78 -13.87 19.81
N LEU C 98 -6.03 -13.24 20.96
CA LEU C 98 -7.37 -12.75 21.39
C LEU C 98 -7.72 -11.52 20.56
N LEU C 99 -8.68 -11.64 19.64
CA LEU C 99 -9.00 -10.59 18.62
C LEU C 99 -10.48 -10.26 18.64
N TRP C 100 -10.81 -9.05 18.18
CA TRP C 100 -12.17 -8.45 18.18
C TRP C 100 -12.97 -8.99 16.99
N HIS C 101 -14.25 -9.33 17.21
CA HIS C 101 -15.29 -9.45 16.16
C HIS C 101 -16.50 -8.58 16.54
N GLY C 102 -16.85 -7.63 15.67
CA GLY C 102 -18.04 -6.77 15.81
C GLY C 102 -19.15 -7.19 14.85
N SER C 103 -20.40 -7.06 15.27
CA SER C 103 -21.60 -7.41 14.48
C SER C 103 -22.81 -6.61 14.99
N ARG C 104 -23.87 -6.52 14.19
CA ARG C 104 -25.16 -5.88 14.56
C ARG C 104 -25.76 -6.61 15.76
N THR C 105 -26.41 -5.88 16.67
CA THR C 105 -27.01 -6.42 17.92
C THR C 105 -27.98 -7.56 17.59
N THR C 106 -28.64 -7.50 16.42
CA THR C 106 -29.66 -8.47 15.94
C THR C 106 -29.04 -9.86 15.76
N ASN C 107 -27.78 -9.93 15.32
CA ASN C 107 -27.09 -11.17 14.90
C ASN C 107 -26.69 -12.02 16.11
N PHE C 108 -26.46 -11.38 17.27
CA PHE C 108 -25.80 -12.01 18.45
C PHE C 108 -26.63 -13.19 18.99
N ALA C 109 -27.94 -13.21 18.73
CA ALA C 109 -28.84 -14.35 19.03
C ALA C 109 -28.31 -15.61 18.32
N GLY C 110 -28.09 -15.52 17.00
CA GLY C 110 -27.59 -16.62 16.16
C GLY C 110 -26.12 -16.95 16.44
N ILE C 111 -25.30 -15.93 16.73
CA ILE C 111 -23.83 -16.09 16.97
C ILE C 111 -23.62 -16.97 18.19
N LEU C 112 -24.17 -16.59 19.35
CA LEU C 112 -24.00 -17.32 20.63
C LEU C 112 -24.64 -18.70 20.51
N SER C 113 -25.77 -18.79 19.80
CA SER C 113 -26.51 -20.05 19.53
C SER C 113 -25.61 -21.04 18.79
N GLN C 114 -25.14 -20.67 17.59
CA GLN C 114 -24.51 -21.59 16.61
C GLN C 114 -23.04 -21.24 16.35
N GLY C 115 -22.53 -20.14 16.92
CA GLY C 115 -21.14 -19.67 16.75
C GLY C 115 -20.99 -18.78 15.53
N LEU C 116 -19.77 -18.32 15.26
CA LEU C 116 -19.39 -17.64 13.98
C LEU C 116 -19.25 -18.72 12.90
N ARG C 117 -19.88 -18.48 11.76
CA ARG C 117 -19.82 -19.42 10.66
C ARG C 117 -19.39 -18.79 9.35
N ILE C 118 -19.14 -19.59 8.33
CA ILE C 118 -18.67 -19.09 7.00
C ILE C 118 -19.83 -19.20 6.00
N ALA C 119 -20.04 -18.17 5.22
CA ALA C 119 -21.13 -18.16 4.25
C ALA C 119 -20.92 -19.16 3.16
N PRO C 120 -22.01 -19.68 2.61
CA PRO C 120 -21.88 -20.73 1.60
C PRO C 120 -21.33 -20.26 0.29
N PRO C 121 -20.80 -21.19 -0.51
CA PRO C 121 -20.24 -20.85 -1.82
C PRO C 121 -21.33 -20.28 -2.70
N GLU C 122 -22.58 -20.66 -2.44
CA GLU C 122 -23.70 -20.11 -3.18
C GLU C 122 -23.90 -18.62 -2.90
N ALA C 123 -23.22 -18.08 -1.89
CA ALA C 123 -23.32 -16.64 -1.64
C ALA C 123 -22.49 -15.92 -2.67
N PRO C 124 -22.77 -14.63 -2.88
CA PRO C 124 -22.06 -13.98 -3.98
C PRO C 124 -20.63 -13.53 -3.72
N VAL C 125 -19.86 -13.31 -4.78
CA VAL C 125 -18.48 -12.83 -4.65
C VAL C 125 -18.40 -11.34 -4.42
N THR C 126 -17.23 -10.84 -4.05
CA THR C 126 -16.99 -9.41 -3.78
C THR C 126 -17.52 -9.08 -2.42
N GLY C 127 -17.34 -7.84 -1.98
CA GLY C 127 -17.73 -7.50 -0.63
C GLY C 127 -16.70 -8.01 0.34
N TYR C 128 -16.41 -9.30 0.28
CA TYR C 128 -15.37 -9.84 1.12
C TYR C 128 -14.03 -9.59 0.45
N MET C 129 -13.21 -8.76 1.08
CA MET C 129 -11.91 -8.40 0.55
C MET C 129 -10.89 -9.52 0.59
N PHE C 130 -10.87 -10.30 1.65
CA PHE C 130 -9.94 -11.40 1.75
C PHE C 130 -10.63 -12.72 1.74
N GLY C 131 -11.82 -12.78 1.19
CA GLY C 131 -12.46 -14.07 1.01
C GLY C 131 -13.49 -14.56 1.95
N LYS C 132 -13.98 -15.75 1.70
CA LYS C 132 -15.04 -16.29 2.51
C LYS C 132 -14.53 -16.99 3.74
N GLY C 133 -14.54 -16.30 4.86
CA GLY C 133 -14.07 -16.84 6.15
C GLY C 133 -14.56 -15.99 7.30
N ILE C 134 -13.98 -16.17 8.49
CA ILE C 134 -14.32 -15.36 9.70
C ILE C 134 -13.22 -14.32 9.90
N TYR C 135 -13.59 -13.03 9.89
CA TYR C 135 -12.68 -11.86 9.99
C TYR C 135 -12.57 -11.42 11.45
N PHE C 136 -11.42 -10.84 11.83
CA PHE C 136 -11.14 -10.27 13.17
C PHE C 136 -10.20 -9.08 13.04
N ALA C 137 -10.17 -8.24 14.09
CA ALA C 137 -9.32 -7.03 14.19
C ALA C 137 -8.53 -7.06 15.50
N ASP C 138 -7.34 -6.44 15.50
CA ASP C 138 -6.49 -6.22 16.70
C ASP C 138 -6.86 -4.87 17.32
N MET C 139 -7.32 -3.93 16.50
CA MET C 139 -7.80 -2.58 16.93
C MET C 139 -9.32 -2.62 17.12
N VAL C 140 -9.81 -2.21 18.29
CA VAL C 140 -11.24 -2.31 18.70
C VAL C 140 -12.08 -1.36 17.84
N SER C 141 -11.56 -0.16 17.55
CA SER C 141 -12.26 0.89 16.76
C SER C 141 -12.63 0.34 15.38
N LYS C 142 -11.83 -0.58 14.83
CA LYS C 142 -12.07 -1.24 13.51
C LYS C 142 -13.31 -2.14 13.60
N SER C 143 -13.34 -3.05 14.59
CA SER C 143 -14.44 -4.02 14.82
C SER C 143 -15.71 -3.29 15.25
N ALA C 144 -15.57 -2.14 15.92
CA ALA C 144 -16.67 -1.30 16.45
C ALA C 144 -17.51 -0.71 15.31
N ASN C 145 -16.91 -0.54 14.13
CA ASN C 145 -17.59 0.00 12.91
C ASN C 145 -18.65 -1.00 12.41
N TYR C 146 -18.59 -2.26 12.84
CA TYR C 146 -19.50 -3.35 12.40
C TYR C 146 -20.66 -3.53 13.39
N CYS C 147 -20.64 -2.81 14.52
CA CYS C 147 -21.75 -2.76 15.50
C CYS C 147 -22.90 -1.90 14.95
N HIS C 148 -22.61 -1.04 13.96
CA HIS C 148 -23.58 -0.18 13.24
C HIS C 148 -24.51 0.52 14.25
N THR C 149 -23.91 1.20 15.23
CA THR C 149 -24.60 1.89 16.35
C THR C 149 -24.83 3.36 15.97
N SER C 150 -26.07 3.72 15.60
CA SER C 150 -26.49 5.10 15.26
C SER C 150 -26.54 5.96 16.54
N GLN C 151 -26.74 7.27 16.37
CA GLN C 151 -26.89 8.25 17.49
C GLN C 151 -28.04 7.80 18.40
N GLY C 152 -29.09 7.19 17.82
CA GLY C 152 -30.30 6.74 18.51
C GLY C 152 -30.05 5.55 19.44
N ASP C 153 -29.19 4.61 19.03
CA ASP C 153 -28.79 3.44 19.85
C ASP C 153 -27.28 3.42 20.00
N PRO C 154 -26.73 4.06 21.05
CA PRO C 154 -25.28 4.17 21.22
C PRO C 154 -24.62 2.91 21.84
N ILE C 155 -25.41 1.89 22.19
CA ILE C 155 -24.93 0.63 22.82
C ILE C 155 -24.67 -0.41 21.72
N GLY C 156 -23.44 -0.92 21.63
CA GLY C 156 -23.00 -1.92 20.63
C GLY C 156 -22.34 -3.12 21.30
N LEU C 157 -22.58 -4.32 20.75
CA LEU C 157 -21.99 -5.59 21.24
C LEU C 157 -20.75 -5.93 20.40
N ILE C 158 -19.67 -6.34 21.08
CA ILE C 158 -18.36 -6.72 20.46
C ILE C 158 -17.89 -8.03 21.12
N LEU C 159 -17.37 -8.96 20.32
CA LEU C 159 -16.85 -10.27 20.79
C LEU C 159 -15.34 -10.16 20.98
N LEU C 160 -14.80 -10.98 21.87
CA LEU C 160 -13.35 -11.32 21.96
C LEU C 160 -13.21 -12.85 21.86
N GLY C 161 -12.61 -13.33 20.78
CA GLY C 161 -12.38 -14.78 20.53
C GLY C 161 -10.91 -15.11 20.47
N GLU C 162 -10.55 -16.30 20.97
CA GLU C 162 -9.20 -16.91 20.75
C GLU C 162 -9.16 -17.45 19.32
N VAL C 163 -8.33 -16.85 18.46
CA VAL C 163 -8.21 -17.21 17.01
C VAL C 163 -6.84 -17.87 16.79
N ALA C 164 -6.84 -19.18 16.50
CA ALA C 164 -5.64 -19.98 16.20
C ALA C 164 -5.21 -19.71 14.75
N LEU C 165 -4.25 -18.81 14.57
CA LEU C 165 -3.85 -18.27 13.24
C LEU C 165 -2.74 -19.12 12.61
N GLY C 166 -1.94 -19.81 13.44
CA GLY C 166 -0.72 -20.52 12.99
C GLY C 166 0.10 -19.63 12.07
N ASN C 167 0.63 -20.19 10.98
CA ASN C 167 1.34 -19.43 9.93
C ASN C 167 0.31 -18.55 9.19
N MET C 168 0.53 -17.23 9.20
CA MET C 168 -0.36 -16.20 8.59
C MET C 168 0.15 -15.84 7.20
N TYR C 169 -0.70 -16.00 6.18
CA TYR C 169 -0.47 -15.57 4.78
C TYR C 169 -0.79 -14.08 4.67
N GLU C 170 0.25 -13.24 4.60
CA GLU C 170 0.17 -11.78 4.87
C GLU C 170 -0.06 -11.01 3.57
N LEU C 171 -1.29 -10.48 3.39
CA LEU C 171 -1.73 -9.69 2.21
C LEU C 171 -1.99 -8.25 2.64
N LYS C 172 -1.88 -7.31 1.69
CA LYS C 172 -2.08 -5.86 1.92
C LYS C 172 -3.00 -5.28 0.84
N HIS C 173 -3.67 -6.13 0.05
CA HIS C 173 -4.65 -5.75 -0.99
C HIS C 173 -5.74 -6.83 -1.07
N ALA C 174 -6.92 -6.47 -1.60
CA ALA C 174 -8.06 -7.38 -1.80
C ALA C 174 -7.62 -8.58 -2.64
N SER C 175 -7.99 -9.79 -2.20
CA SER C 175 -7.66 -11.07 -2.86
C SER C 175 -8.71 -12.11 -2.47
N HIS C 176 -9.41 -12.69 -3.45
CA HIS C 176 -10.42 -13.76 -3.22
C HIS C 176 -9.69 -15.08 -2.94
N ILE C 177 -9.70 -15.50 -1.68
CA ILE C 177 -9.04 -16.75 -1.18
C ILE C 177 -10.05 -17.90 -1.31
N SER C 178 -9.69 -18.94 -2.07
CA SER C 178 -10.41 -20.23 -2.14
C SER C 178 -9.70 -21.27 -1.27
N LYS C 179 -8.37 -21.37 -1.41
CA LYS C 179 -7.51 -22.31 -0.65
C LYS C 179 -6.18 -21.62 -0.31
N LEU C 180 -5.70 -21.76 0.93
CA LEU C 180 -4.47 -21.11 1.44
C LEU C 180 -3.24 -21.76 0.81
N PRO C 181 -2.17 -20.97 0.51
CA PRO C 181 -0.86 -21.53 0.20
C PRO C 181 -0.42 -22.62 1.20
N LYS C 182 0.42 -23.55 0.75
CA LYS C 182 0.85 -24.75 1.53
C LYS C 182 1.69 -24.29 2.73
N GLY C 183 1.26 -24.66 3.94
CA GLY C 183 1.94 -24.35 5.22
C GLY C 183 1.33 -23.12 5.90
N LYS C 184 0.33 -22.49 5.29
CA LYS C 184 -0.40 -21.30 5.82
C LYS C 184 -1.75 -21.76 6.39
N HIS C 185 -2.06 -21.33 7.63
CA HIS C 185 -3.30 -21.71 8.37
C HIS C 185 -4.33 -20.58 8.34
N SER C 186 -3.90 -19.34 8.08
CA SER C 186 -4.75 -18.12 8.18
C SER C 186 -4.35 -17.11 7.11
N VAL C 187 -5.06 -15.97 7.08
CA VAL C 187 -4.70 -14.74 6.32
C VAL C 187 -4.58 -13.58 7.33
N LYS C 188 -3.60 -12.69 7.15
CA LYS C 188 -3.49 -11.42 7.90
C LYS C 188 -3.38 -10.26 6.91
N GLY C 189 -4.43 -9.43 6.84
CA GLY C 189 -4.37 -8.10 6.22
C GLY C 189 -3.43 -7.19 6.99
N LEU C 190 -2.42 -6.63 6.33
CA LEU C 190 -1.44 -5.71 6.94
C LEU C 190 -1.94 -4.26 6.81
N GLY C 191 -2.30 -3.64 7.93
CA GLY C 191 -2.77 -2.25 8.00
C GLY C 191 -1.62 -1.27 8.16
N LYS C 192 -1.87 0.01 7.86
CA LYS C 192 -0.90 1.13 8.06
C LYS C 192 -0.61 1.27 9.56
N THR C 193 -1.61 1.00 10.41
CA THR C 193 -1.55 1.11 11.89
C THR C 193 -1.63 -0.29 12.52
N THR C 194 -0.98 -0.46 13.68
CA THR C 194 -0.94 -1.75 14.43
C THR C 194 -0.60 -1.47 15.90
N PRO C 195 -1.06 -2.31 16.85
CA PRO C 195 -0.64 -2.22 18.25
C PRO C 195 0.88 -2.38 18.43
N ASP C 196 1.45 -1.73 19.44
CA ASP C 196 2.90 -1.81 19.80
C ASP C 196 3.24 -3.28 20.06
N PRO C 197 4.06 -3.93 19.19
CA PRO C 197 4.45 -5.33 19.41
C PRO C 197 5.04 -5.58 20.80
N SER C 198 5.84 -4.64 21.32
CA SER C 198 6.59 -4.74 22.61
C SER C 198 5.63 -4.83 23.80
N ALA C 199 4.46 -4.20 23.70
CA ALA C 199 3.44 -4.10 24.76
C ALA C 199 2.50 -5.32 24.73
N ASN C 200 2.77 -6.29 23.85
CA ASN C 200 2.07 -7.61 23.82
C ASN C 200 2.23 -8.29 25.18
N ILE C 201 1.17 -8.94 25.67
CA ILE C 201 1.18 -9.76 26.92
C ILE C 201 0.50 -11.11 26.60
N SER C 202 0.37 -11.98 27.61
CA SER C 202 -0.24 -13.32 27.52
C SER C 202 -1.46 -13.40 28.44
N LEU C 203 -2.53 -14.06 27.99
CA LEU C 203 -3.75 -14.35 28.79
C LEU C 203 -4.23 -15.77 28.47
N ASP C 204 -3.90 -16.71 29.36
CA ASP C 204 -4.25 -18.16 29.26
C ASP C 204 -3.46 -18.78 28.08
N GLY C 205 -2.23 -18.31 27.86
CA GLY C 205 -1.34 -18.78 26.77
C GLY C 205 -1.73 -18.19 25.42
N VAL C 206 -2.45 -17.06 25.42
CA VAL C 206 -2.98 -16.39 24.19
C VAL C 206 -2.44 -14.96 24.16
N ASP C 207 -1.82 -14.57 23.04
CA ASP C 207 -1.22 -13.22 22.84
C ASP C 207 -2.34 -12.17 22.73
N VAL C 208 -2.27 -11.11 23.53
CA VAL C 208 -3.26 -9.99 23.55
C VAL C 208 -2.57 -8.73 23.04
N PRO C 209 -2.71 -8.38 21.73
CA PRO C 209 -1.99 -7.24 21.17
C PRO C 209 -2.62 -5.90 21.58
N LEU C 210 -2.44 -5.51 22.86
CA LEU C 210 -3.14 -4.35 23.48
C LEU C 210 -2.22 -3.12 23.57
N GLY C 211 -1.16 -3.08 22.76
CA GLY C 211 -0.29 -1.89 22.63
C GLY C 211 -1.01 -0.78 21.86
N THR C 212 -0.56 0.47 22.03
CA THR C 212 -1.14 1.67 21.37
C THR C 212 -0.90 1.58 19.86
N GLY C 213 -1.77 2.22 19.07
CA GLY C 213 -1.67 2.28 17.60
C GLY C 213 -0.44 3.05 17.16
N ILE C 214 0.46 2.40 16.43
CA ILE C 214 1.74 3.00 15.93
C ILE C 214 1.86 2.72 14.43
N SER C 215 2.82 3.36 13.77
CA SER C 215 3.19 3.09 12.35
C SER C 215 3.70 1.64 12.27
N SER C 216 3.07 0.84 11.42
CA SER C 216 3.46 -0.57 11.13
C SER C 216 4.76 -0.58 10.31
N GLY C 217 4.96 0.47 9.51
CA GLY C 217 6.07 0.57 8.54
C GLY C 217 5.65 0.05 7.17
N VAL C 218 4.52 -0.67 7.11
CA VAL C 218 3.91 -1.18 5.84
C VAL C 218 3.38 0.04 5.06
N ASN C 219 3.75 0.17 3.79
CA ASN C 219 3.66 1.44 3.02
C ASN C 219 2.68 1.36 1.86
N ASP C 220 2.63 0.24 1.12
CA ASP C 220 1.87 0.14 -0.16
C ASP C 220 0.59 -0.68 0.07
N THR C 221 -0.12 -0.47 1.17
CA THR C 221 -1.29 -1.27 1.62
C THR C 221 -2.59 -0.51 1.36
N SER C 222 -3.69 -1.25 1.21
CA SER C 222 -5.08 -0.74 1.09
C SER C 222 -5.68 -0.51 2.48
N LEU C 223 -5.19 -1.24 3.49
CA LEU C 223 -5.79 -1.33 4.84
C LEU C 223 -5.18 -0.26 5.75
N LEU C 224 -6.02 0.38 6.59
CA LEU C 224 -5.61 1.26 7.71
C LEU C 224 -5.25 0.40 8.92
N TYR C 225 -5.96 -0.72 9.09
CA TYR C 225 -5.92 -1.58 10.30
C TYR C 225 -5.76 -3.05 9.88
N ASN C 226 -5.18 -3.86 10.77
CA ASN C 226 -4.98 -5.32 10.56
C ASN C 226 -6.35 -6.02 10.60
N GLU C 227 -6.59 -6.88 9.61
CA GLU C 227 -7.69 -7.90 9.60
C GLU C 227 -7.05 -9.28 9.69
N TYR C 228 -7.68 -10.20 10.42
CA TYR C 228 -7.28 -11.63 10.51
C TYR C 228 -8.46 -12.51 10.08
N ILE C 229 -8.26 -13.35 9.07
CA ILE C 229 -9.30 -14.24 8.49
C ILE C 229 -8.87 -15.70 8.67
N VAL C 230 -9.81 -16.56 9.07
CA VAL C 230 -9.68 -18.05 9.12
C VAL C 230 -10.83 -18.66 8.31
N TYR C 231 -10.59 -19.80 7.67
CA TYR C 231 -11.52 -20.44 6.71
C TYR C 231 -11.95 -21.82 7.25
N ASP C 232 -12.06 -21.92 8.57
CA ASP C 232 -12.47 -23.13 9.34
C ASP C 232 -12.99 -22.65 10.70
N ILE C 233 -14.22 -23.04 11.06
CA ILE C 233 -14.92 -22.55 12.28
C ILE C 233 -14.29 -23.21 13.53
N ALA C 234 -13.58 -24.33 13.34
CA ALA C 234 -12.85 -25.05 14.41
C ALA C 234 -11.63 -24.26 14.87
N GLN C 235 -11.24 -23.20 14.13
CA GLN C 235 -10.05 -22.35 14.46
C GLN C 235 -10.42 -21.22 15.42
N VAL C 236 -11.70 -21.09 15.80
CA VAL C 236 -12.22 -19.99 16.67
C VAL C 236 -12.83 -20.57 17.94
N ASN C 237 -12.64 -19.87 19.06
CA ASN C 237 -13.20 -20.19 20.40
C ASN C 237 -13.47 -18.87 21.14
N LEU C 238 -14.74 -18.48 21.25
CA LEU C 238 -15.18 -17.18 21.83
C LEU C 238 -14.96 -17.18 23.35
N LYS C 239 -14.34 -16.12 23.87
CA LYS C 239 -13.94 -15.99 25.30
C LYS C 239 -14.85 -14.94 25.99
N TYR C 240 -14.85 -13.70 25.52
CA TYR C 240 -15.57 -12.57 26.15
C TYR C 240 -16.54 -11.92 25.15
N LEU C 241 -17.58 -11.29 25.69
CA LEU C 241 -18.54 -10.41 24.97
C LEU C 241 -18.63 -9.11 25.76
N LEU C 242 -18.52 -7.95 25.09
CA LEU C 242 -18.48 -6.60 25.74
C LEU C 242 -19.65 -5.74 25.26
N LYS C 243 -20.52 -5.34 26.21
CA LYS C 243 -21.53 -4.26 26.04
C LYS C 243 -20.78 -2.91 26.09
N LEU C 244 -20.84 -2.12 25.02
CA LEU C 244 -20.03 -0.88 24.84
C LEU C 244 -20.94 0.31 24.53
N LYS C 245 -20.52 1.49 24.97
CA LYS C 245 -21.24 2.72 24.64
C LYS C 245 -20.39 3.59 23.75
N PHE C 246 -20.99 4.17 22.74
CA PHE C 246 -20.32 5.01 21.71
C PHE C 246 -20.61 6.49 22.01
N ASN C 247 -19.57 7.34 22.01
CA ASN C 247 -19.64 8.79 22.35
C ASN C 247 -18.87 9.59 21.31
N PHE C 248 -19.52 10.56 20.65
CA PHE C 248 -19.01 11.32 19.48
C PHE C 248 -18.44 12.67 19.94
N THR D 2 -14.51 6.02 -17.22
CA THR D 2 -13.57 6.21 -16.07
C THR D 2 -12.79 7.52 -16.26
N LYS D 3 -13.50 8.65 -16.39
CA LYS D 3 -12.93 10.02 -16.46
C LYS D 3 -13.91 11.01 -15.84
N SER D 4 -13.57 11.61 -14.70
CA SER D 4 -14.36 12.64 -14.00
C SER D 4 -14.32 13.95 -14.80
N LYS D 5 -15.45 14.66 -14.86
CA LYS D 5 -15.63 15.94 -15.58
C LYS D 5 -15.60 17.11 -14.60
N LEU D 6 -15.27 16.84 -13.33
CA LEU D 6 -15.19 17.85 -12.24
C LEU D 6 -13.86 18.59 -12.34
N PRO D 7 -13.79 19.85 -11.85
CA PRO D 7 -12.51 20.55 -11.71
C PRO D 7 -11.55 19.83 -10.75
N LYS D 8 -10.24 19.95 -10.98
CA LYS D 8 -9.17 19.21 -10.24
C LYS D 8 -9.26 19.50 -8.74
N PRO D 9 -9.48 20.76 -8.30
CA PRO D 9 -9.62 21.06 -6.87
C PRO D 9 -10.80 20.34 -6.20
N VAL D 10 -11.90 20.15 -6.94
CA VAL D 10 -13.11 19.42 -6.46
C VAL D 10 -12.78 17.92 -6.36
N GLN D 11 -11.97 17.41 -7.30
CA GLN D 11 -11.57 15.98 -7.38
C GLN D 11 -10.66 15.62 -6.19
N ASP D 12 -9.64 16.45 -5.94
CA ASP D 12 -8.70 16.29 -4.79
C ASP D 12 -9.51 16.35 -3.48
N LEU D 13 -10.52 17.23 -3.44
CA LEU D 13 -11.46 17.42 -2.30
C LEU D 13 -12.23 16.12 -2.02
N ILE D 14 -12.74 15.47 -3.07
CA ILE D 14 -13.58 14.23 -2.97
C ILE D 14 -12.68 13.05 -2.57
N LYS D 15 -11.49 12.93 -3.18
CA LYS D 15 -10.48 11.90 -2.81
C LYS D 15 -10.14 12.04 -1.32
N MET D 16 -10.02 13.27 -0.84
CA MET D 16 -9.66 13.64 0.56
C MET D 16 -10.75 13.18 1.54
N ILE D 17 -12.02 13.48 1.23
CA ILE D 17 -13.21 13.16 2.07
C ILE D 17 -13.32 11.63 2.25
N PHE D 18 -13.37 10.89 1.13
CA PHE D 18 -13.67 9.43 1.08
C PHE D 18 -12.40 8.58 1.27
N GLY D 19 -11.22 9.21 1.30
CA GLY D 19 -9.90 8.54 1.49
C GLY D 19 -9.69 7.50 0.38
N ASP D 27 -16.94 4.34 -5.66
CA ASP D 27 -15.47 4.56 -5.60
C ASP D 27 -15.01 5.49 -6.73
N PRO D 28 -15.52 5.37 -7.99
CA PRO D 28 -15.24 6.39 -9.00
C PRO D 28 -15.65 7.79 -8.50
N ILE D 29 -14.83 8.80 -8.80
CA ILE D 29 -14.90 10.16 -8.19
C ILE D 29 -16.28 10.79 -8.43
N ASP D 30 -16.79 10.72 -9.65
CA ASP D 30 -18.10 11.30 -10.07
C ASP D 30 -19.24 10.71 -9.24
N VAL D 31 -19.17 9.41 -8.93
CA VAL D 31 -20.21 8.66 -8.16
C VAL D 31 -20.19 9.15 -6.70
N ASN D 32 -19.00 9.34 -6.13
CA ASN D 32 -18.79 9.79 -4.73
C ASN D 32 -19.23 11.25 -4.55
N TYR D 33 -19.25 12.03 -5.64
CA TYR D 33 -19.69 13.45 -5.69
C TYR D 33 -21.22 13.51 -5.61
N GLU D 34 -21.89 12.60 -6.34
CA GLU D 34 -23.38 12.45 -6.36
C GLU D 34 -23.86 12.03 -4.98
N LYS D 35 -23.07 11.24 -4.25
CA LYS D 35 -23.38 10.69 -2.90
C LYS D 35 -23.49 11.82 -1.86
N LEU D 36 -22.96 13.02 -2.16
CA LEU D 36 -22.98 14.21 -1.25
C LEU D 36 -24.26 15.02 -1.48
N LYS D 37 -24.84 14.94 -2.69
CA LYS D 37 -26.02 15.74 -3.12
C LYS D 37 -25.76 17.22 -2.81
N THR D 38 -24.56 17.68 -3.12
CA THR D 38 -24.07 19.06 -2.89
C THR D 38 -23.39 19.56 -4.17
N ASP D 39 -23.88 20.67 -4.73
CA ASP D 39 -23.31 21.34 -5.93
C ASP D 39 -22.07 22.14 -5.49
N ILE D 40 -20.87 21.57 -5.67
CA ILE D 40 -19.57 22.14 -5.23
C ILE D 40 -18.89 22.82 -6.42
N LYS D 41 -18.85 24.17 -6.43
CA LYS D 41 -18.17 25.01 -7.45
C LYS D 41 -17.01 25.75 -6.77
N VAL D 42 -15.87 25.86 -7.47
CA VAL D 42 -14.61 26.49 -6.95
C VAL D 42 -14.74 28.00 -7.06
N VAL D 43 -14.70 28.71 -5.92
CA VAL D 43 -14.72 30.21 -5.84
C VAL D 43 -13.35 30.71 -6.34
N ASP D 44 -13.35 31.58 -7.36
CA ASP D 44 -12.12 32.17 -7.95
C ASP D 44 -11.39 32.96 -6.86
N ARG D 45 -10.06 32.81 -6.78
CA ARG D 45 -9.22 33.38 -5.69
C ARG D 45 -9.06 34.90 -5.88
N ASP D 46 -9.20 35.40 -7.10
CA ASP D 46 -9.08 36.85 -7.44
C ASP D 46 -10.42 37.57 -7.22
N SER D 47 -11.50 36.82 -6.95
CA SER D 47 -12.89 37.34 -6.80
C SER D 47 -13.04 38.15 -5.49
N GLU D 48 -14.07 38.99 -5.42
CA GLU D 48 -14.46 39.75 -4.21
C GLU D 48 -14.83 38.78 -3.08
N GLU D 49 -15.47 37.65 -3.43
CA GLU D 49 -15.87 36.57 -2.49
C GLU D 49 -14.64 36.05 -1.75
N ALA D 50 -13.62 35.59 -2.50
CA ALA D 50 -12.38 34.97 -1.99
C ALA D 50 -11.60 35.96 -1.12
N GLU D 51 -11.60 37.25 -1.49
CA GLU D 51 -10.89 38.33 -0.77
C GLU D 51 -11.47 38.48 0.65
N ILE D 52 -12.79 38.67 0.75
CA ILE D 52 -13.52 38.85 2.03
C ILE D 52 -13.40 37.58 2.87
N ILE D 53 -13.65 36.41 2.26
CA ILE D 53 -13.50 35.08 2.92
C ILE D 53 -12.07 34.95 3.45
N ARG D 54 -11.08 35.14 2.57
CA ARG D 54 -9.63 35.03 2.93
C ARG D 54 -9.32 36.06 4.01
N LYS D 55 -9.96 37.24 3.96
CA LYS D 55 -9.79 38.34 4.96
C LYS D 55 -10.33 37.90 6.32
N TYR D 56 -11.43 37.12 6.33
CA TYR D 56 -12.15 36.64 7.54
C TYR D 56 -11.28 35.66 8.35
N VAL D 57 -10.49 34.83 7.66
CA VAL D 57 -9.61 33.79 8.28
C VAL D 57 -8.32 34.44 8.80
N LYS D 58 -7.82 35.51 8.16
CA LYS D 58 -6.53 36.17 8.49
C LYS D 58 -6.67 37.03 9.75
N ASN D 59 -7.68 37.91 9.79
CA ASN D 59 -7.97 38.83 10.93
C ASN D 59 -8.14 38.00 12.20
N THR D 60 -8.71 36.81 12.05
CA THR D 60 -9.08 35.88 13.14
C THR D 60 -8.00 34.81 13.31
N HIS D 61 -6.77 35.23 13.59
CA HIS D 61 -5.57 34.35 13.63
C HIS D 61 -4.61 34.83 14.72
N HIS D 68 1.18 28.12 14.86
CA HIS D 68 0.87 27.72 13.46
C HIS D 68 0.11 28.84 12.76
N ASP D 69 0.19 28.89 11.42
CA ASP D 69 -0.63 29.80 10.56
C ASP D 69 -1.44 28.97 9.57
N LEU D 70 -2.56 29.54 9.11
CA LEU D 70 -3.54 28.88 8.19
C LEU D 70 -3.46 29.54 6.81
N GLU D 71 -3.06 28.77 5.79
CA GLU D 71 -3.04 29.19 4.36
C GLU D 71 -4.27 28.60 3.66
N VAL D 72 -5.08 29.46 3.01
CA VAL D 72 -6.30 29.06 2.25
C VAL D 72 -5.83 28.45 0.92
N ILE D 73 -5.92 27.12 0.79
CA ILE D 73 -5.55 26.37 -0.45
C ILE D 73 -6.65 26.58 -1.49
N ASP D 74 -7.88 26.20 -1.15
CA ASP D 74 -9.07 26.27 -2.03
C ASP D 74 -10.24 26.90 -1.28
N ILE D 75 -11.22 27.42 -2.01
CA ILE D 75 -12.54 27.89 -1.51
C ILE D 75 -13.63 27.32 -2.43
N PHE D 76 -14.64 26.67 -1.88
CA PHE D 76 -15.76 26.03 -2.64
C PHE D 76 -17.09 26.65 -2.21
N LYS D 77 -17.85 27.17 -3.18
CA LYS D 77 -19.26 27.60 -3.00
C LYS D 77 -20.15 26.36 -3.11
N ILE D 78 -20.72 25.91 -1.97
CA ILE D 78 -21.52 24.69 -1.94
C ILE D 78 -23.02 24.88 -1.80
N GLU D 79 -23.80 23.93 -2.30
CA GLU D 79 -25.24 23.98 -2.12
C GLU D 79 -25.73 22.59 -1.82
N ARG D 80 -26.10 22.34 -0.58
CA ARG D 80 -26.63 21.04 -0.22
C ARG D 80 -27.98 20.99 -0.83
N GLU D 81 -28.45 19.80 -1.16
CA GLU D 81 -29.71 19.75 -1.87
C GLU D 81 -30.84 20.17 -0.95
N GLY D 82 -31.57 21.20 -1.36
CA GLY D 82 -32.70 21.66 -0.58
C GLY D 82 -32.49 22.09 0.86
N GLU D 83 -31.41 22.79 1.16
CA GLU D 83 -31.23 23.32 2.50
C GLU D 83 -31.71 24.72 2.33
N CYS D 84 -31.38 25.30 1.20
CA CYS D 84 -31.83 26.69 0.91
C CYS D 84 -33.34 26.79 1.15
N GLN D 85 -34.10 25.79 0.68
CA GLN D 85 -35.57 25.70 0.83
C GLN D 85 -35.94 25.53 2.31
N ARG D 86 -35.22 24.70 3.07
CA ARG D 86 -35.52 24.45 4.49
C ARG D 86 -35.15 25.62 5.38
N TYR D 87 -34.30 26.48 4.89
CA TYR D 87 -33.81 27.67 5.65
C TYR D 87 -34.68 28.89 5.35
N LYS D 88 -35.57 28.81 4.37
CA LYS D 88 -36.33 29.96 3.82
C LYS D 88 -37.15 30.64 4.92
N PRO D 89 -37.91 29.91 5.76
CA PRO D 89 -38.64 30.54 6.88
C PRO D 89 -37.75 31.44 7.76
N PHE D 90 -36.50 31.01 8.00
CA PHE D 90 -35.52 31.66 8.91
C PHE D 90 -34.68 32.72 8.17
N LYS D 91 -34.81 32.81 6.83
CA LYS D 91 -34.17 33.87 6.01
C LYS D 91 -34.73 35.24 6.42
N GLN D 92 -36.00 35.26 6.85
CA GLN D 92 -36.74 36.48 7.27
C GLN D 92 -36.22 36.96 8.63
N LEU D 93 -35.60 36.10 9.43
CA LEU D 93 -35.11 36.50 10.74
C LEU D 93 -33.97 37.48 10.79
N HIS D 94 -33.71 38.06 11.96
CA HIS D 94 -32.63 39.00 12.13
C HIS D 94 -31.37 38.30 12.62
N ASN D 95 -30.28 39.05 12.76
CA ASN D 95 -29.01 38.48 13.19
C ASN D 95 -28.55 37.29 12.40
N ARG D 96 -28.50 37.44 11.09
CA ARG D 96 -27.99 36.36 10.27
C ARG D 96 -26.50 36.58 10.12
N ARG D 97 -25.70 35.61 10.53
CA ARG D 97 -24.27 35.75 10.50
C ARG D 97 -23.58 34.64 9.78
N LEU D 98 -22.50 34.94 9.07
CA LEU D 98 -21.68 33.91 8.38
C LEU D 98 -20.58 33.46 9.35
N LEU D 99 -20.66 32.22 9.84
CA LEU D 99 -19.81 31.73 10.96
C LEU D 99 -19.13 30.41 10.57
N TRP D 100 -18.05 30.07 11.30
CA TRP D 100 -17.20 28.86 11.07
C TRP D 100 -17.82 27.65 11.77
N HIS D 101 -17.75 26.48 11.12
CA HIS D 101 -17.90 25.15 11.78
C HIS D 101 -16.78 24.22 11.32
N GLY D 102 -15.87 23.86 12.24
CA GLY D 102 -14.77 22.92 12.00
C GLY D 102 -15.12 21.52 12.49
N SER D 103 -14.76 20.50 11.71
CA SER D 103 -14.95 19.06 12.03
C SER D 103 -13.79 18.24 11.43
N ARG D 104 -13.65 16.98 11.85
CA ARG D 104 -12.65 16.02 11.31
C ARG D 104 -12.97 15.73 9.85
N THR D 105 -11.95 15.48 9.02
CA THR D 105 -12.07 15.23 7.55
C THR D 105 -12.97 14.00 7.30
N THR D 106 -13.07 13.10 8.29
CA THR D 106 -13.85 11.83 8.21
C THR D 106 -15.36 12.11 8.19
N ASN D 107 -15.82 13.13 8.92
CA ASN D 107 -17.25 13.46 9.11
C ASN D 107 -17.85 14.06 7.83
N PHE D 108 -17.04 14.77 7.02
CA PHE D 108 -17.51 15.65 5.91
C PHE D 108 -18.31 14.86 4.87
N ALA D 109 -18.18 13.53 4.82
CA ALA D 109 -18.96 12.62 3.96
C ALA D 109 -20.43 12.59 4.42
N GLY D 110 -20.67 12.70 5.73
CA GLY D 110 -22.02 12.74 6.33
C GLY D 110 -22.59 14.15 6.41
N ILE D 111 -21.74 15.16 6.62
CA ILE D 111 -22.13 16.59 6.77
C ILE D 111 -22.74 17.10 5.46
N LEU D 112 -22.06 16.87 4.33
CA LEU D 112 -22.48 17.38 2.99
C LEU D 112 -23.68 16.56 2.51
N SER D 113 -23.68 15.26 2.78
CA SER D 113 -24.79 14.32 2.47
C SER D 113 -26.08 14.82 3.13
N GLN D 114 -26.09 14.94 4.45
CA GLN D 114 -27.32 15.11 5.28
C GLN D 114 -27.21 16.31 6.23
N GLY D 115 -26.31 17.26 5.97
CA GLY D 115 -26.21 18.54 6.70
C GLY D 115 -25.65 18.37 8.11
N LEU D 116 -25.54 19.48 8.85
CA LEU D 116 -25.25 19.52 10.30
C LEU D 116 -26.53 19.16 11.07
N ARG D 117 -26.46 18.17 11.97
CA ARG D 117 -27.64 17.62 12.70
C ARG D 117 -27.38 17.69 14.22
N ILE D 118 -28.47 17.61 14.99
CA ILE D 118 -28.48 17.71 16.48
C ILE D 118 -28.63 16.30 17.05
N ALA D 119 -27.88 15.98 18.12
CA ALA D 119 -27.91 14.68 18.83
C ALA D 119 -29.22 14.57 19.62
N PRO D 120 -29.69 13.31 19.85
CA PRO D 120 -30.89 13.18 20.65
C PRO D 120 -30.66 13.19 22.16
N PRO D 121 -31.74 13.17 22.96
CA PRO D 121 -31.59 13.13 24.43
C PRO D 121 -30.86 11.89 24.88
N GLU D 122 -31.07 10.78 24.19
CA GLU D 122 -30.44 9.53 24.55
C GLU D 122 -28.94 9.71 24.67
N ALA D 123 -28.34 10.45 23.75
CA ALA D 123 -26.90 10.61 23.72
C ALA D 123 -26.32 11.32 24.93
N PRO D 124 -25.07 11.01 25.29
CA PRO D 124 -24.40 11.62 26.43
C PRO D 124 -24.04 13.08 26.25
N VAL D 125 -23.85 13.78 27.36
CA VAL D 125 -23.59 15.20 27.27
C VAL D 125 -22.29 15.64 27.90
N THR D 126 -21.18 15.31 27.26
CA THR D 126 -19.92 15.78 27.78
C THR D 126 -19.32 16.60 26.68
N GLY D 127 -18.85 17.78 27.02
CA GLY D 127 -18.29 18.66 26.03
C GLY D 127 -19.40 19.50 25.48
N TYR D 128 -20.62 19.18 25.88
CA TYR D 128 -21.72 19.99 25.48
C TYR D 128 -21.86 20.89 26.66
N MET D 129 -21.52 22.15 26.49
CA MET D 129 -21.59 23.09 27.58
C MET D 129 -22.76 23.98 27.33
N PHE D 130 -23.35 23.84 26.17
CA PHE D 130 -24.53 24.65 25.80
C PHE D 130 -25.63 23.75 25.23
N GLY D 131 -25.75 22.54 25.76
CA GLY D 131 -26.78 21.55 25.36
C GLY D 131 -26.56 21.04 23.95
N LYS D 132 -27.46 20.20 23.45
CA LYS D 132 -27.34 19.53 22.12
C LYS D 132 -27.93 20.43 21.04
N GLY D 133 -27.07 21.13 20.30
CA GLY D 133 -27.39 21.97 19.13
C GLY D 133 -26.27 21.96 18.12
N ILE D 134 -26.30 22.87 17.13
CA ILE D 134 -25.21 23.03 16.12
C ILE D 134 -24.41 24.29 16.46
N TYR D 135 -23.17 24.10 16.95
CA TYR D 135 -22.26 25.15 17.46
C TYR D 135 -21.55 25.82 16.28
N PHE D 136 -21.14 27.09 16.45
CA PHE D 136 -20.37 27.88 15.45
C PHE D 136 -19.44 28.86 16.16
N ALA D 137 -18.43 29.35 15.44
CA ALA D 137 -17.42 30.31 15.94
C ALA D 137 -17.40 31.55 15.03
N ASP D 138 -17.10 32.71 15.61
CA ASP D 138 -16.79 33.96 14.87
C ASP D 138 -15.27 34.06 14.70
N MET D 139 -14.52 33.16 15.35
CA MET D 139 -13.04 33.06 15.24
C MET D 139 -12.65 31.72 14.59
N VAL D 140 -11.97 31.76 13.43
CA VAL D 140 -11.55 30.55 12.65
C VAL D 140 -10.56 29.72 13.47
N SER D 141 -9.69 30.37 14.26
CA SER D 141 -8.70 29.71 15.15
C SER D 141 -9.42 28.76 16.12
N LYS D 142 -10.61 29.15 16.58
CA LYS D 142 -11.48 28.36 17.51
C LYS D 142 -12.01 27.13 16.78
N SER D 143 -12.67 27.34 15.62
CA SER D 143 -13.27 26.27 14.78
C SER D 143 -12.18 25.33 14.25
N ALA D 144 -11.01 25.88 13.90
CA ALA D 144 -9.83 25.14 13.40
C ALA D 144 -9.46 24.01 14.37
N ASN D 145 -9.53 24.29 15.69
CA ASN D 145 -9.20 23.32 16.77
C ASN D 145 -9.98 22.01 16.58
N TYR D 146 -11.15 22.05 15.92
CA TYR D 146 -12.07 20.90 15.76
C TYR D 146 -11.78 20.13 14.45
N CYS D 147 -10.89 20.65 13.60
CA CYS D 147 -10.34 19.92 12.42
C CYS D 147 -9.37 18.84 12.91
N HIS D 148 -8.80 19.02 14.12
CA HIS D 148 -7.90 18.06 14.81
C HIS D 148 -6.78 17.64 13.86
N THR D 149 -5.99 18.61 13.40
CA THR D 149 -4.95 18.48 12.35
C THR D 149 -3.56 18.39 13.00
N GLY D 152 -1.02 16.36 13.15
CA GLY D 152 -1.76 15.47 12.28
C GLY D 152 -1.67 15.97 10.86
N ASP D 153 -2.54 15.46 10.00
CA ASP D 153 -2.45 15.83 8.60
C ASP D 153 -2.73 17.30 8.60
N PRO D 154 -1.84 18.06 7.98
CA PRO D 154 -2.06 19.50 8.09
C PRO D 154 -3.34 19.93 7.42
N ILE D 155 -3.68 19.32 6.29
CA ILE D 155 -4.86 19.74 5.58
C ILE D 155 -6.14 19.42 6.32
N GLY D 156 -6.86 20.44 6.74
CA GLY D 156 -8.15 20.27 7.43
C GLY D 156 -9.25 21.09 6.78
N LEU D 157 -10.49 20.58 6.81
CA LEU D 157 -11.67 21.24 6.19
C LEU D 157 -12.46 21.99 7.26
N ILE D 158 -12.96 23.19 6.92
CA ILE D 158 -13.77 24.06 7.82
C ILE D 158 -14.91 24.68 6.99
N LEU D 159 -16.12 24.70 7.56
CA LEU D 159 -17.34 25.22 6.88
C LEU D 159 -17.53 26.70 7.22
N LEU D 160 -18.04 27.46 6.25
CA LEU D 160 -18.67 28.79 6.45
C LEU D 160 -20.18 28.62 6.27
N GLY D 161 -20.97 28.96 7.28
CA GLY D 161 -22.44 28.77 7.28
C GLY D 161 -23.16 30.06 7.62
N GLU D 162 -24.25 30.36 6.91
CA GLU D 162 -25.19 31.45 7.25
C GLU D 162 -26.12 30.95 8.37
N VAL D 163 -25.98 31.49 9.58
CA VAL D 163 -26.71 31.06 10.81
C VAL D 163 -27.69 32.17 11.20
N ALA D 164 -28.99 31.86 11.21
CA ALA D 164 -30.08 32.79 11.59
C ALA D 164 -30.23 32.78 13.12
N LEU D 165 -29.59 33.75 13.80
CA LEU D 165 -29.40 33.74 15.27
C LEU D 165 -30.52 34.55 15.97
N GLY D 166 -31.09 35.54 15.28
CA GLY D 166 -32.16 36.41 15.82
C GLY D 166 -31.76 36.99 17.17
N ASN D 167 -32.65 36.89 18.17
CA ASN D 167 -32.36 37.22 19.58
C ASN D 167 -31.47 36.12 20.18
N MET D 168 -30.24 36.47 20.56
CA MET D 168 -29.25 35.54 21.16
C MET D 168 -29.40 35.54 22.69
N TYR D 169 -29.48 34.35 23.28
CA TYR D 169 -29.46 34.13 24.75
C TYR D 169 -27.98 34.04 25.18
N GLU D 170 -27.46 35.12 25.76
CA GLU D 170 -26.00 35.37 25.90
C GLU D 170 -25.53 34.86 27.28
N LEU D 171 -24.88 33.70 27.29
CA LEU D 171 -24.32 33.00 28.49
C LEU D 171 -22.79 33.08 28.45
N LYS D 172 -22.14 32.85 29.59
CA LYS D 172 -20.67 32.86 29.72
C LYS D 172 -20.18 31.64 30.52
N HIS D 173 -21.07 30.70 30.83
CA HIS D 173 -20.76 29.47 31.62
C HIS D 173 -21.57 28.29 31.06
N ALA D 174 -21.06 27.07 31.29
CA ALA D 174 -21.71 25.80 30.87
C ALA D 174 -23.14 25.77 31.42
N SER D 175 -24.11 25.48 30.55
CA SER D 175 -25.57 25.42 30.88
C SER D 175 -26.26 24.47 29.90
N HIS D 176 -26.85 23.39 30.40
CA HIS D 176 -27.58 22.38 29.58
C HIS D 176 -28.92 22.97 29.15
N ILE D 177 -29.02 23.37 27.87
CA ILE D 177 -30.22 23.98 27.25
C ILE D 177 -31.10 22.87 26.68
N SER D 178 -32.30 22.70 27.25
CA SER D 178 -33.38 21.83 26.73
C SER D 178 -34.26 22.64 25.76
N LYS D 179 -34.84 23.74 26.25
CA LYS D 179 -35.63 24.71 25.46
C LYS D 179 -35.09 26.12 25.71
N LEU D 180 -35.10 26.98 24.69
CA LEU D 180 -34.64 28.40 24.79
C LEU D 180 -35.68 29.23 25.53
N PRO D 181 -35.26 30.19 26.39
CA PRO D 181 -36.18 31.16 26.98
C PRO D 181 -37.04 31.86 25.92
N LYS D 182 -38.25 32.23 26.25
CA LYS D 182 -39.13 32.79 25.27
C LYS D 182 -38.56 33.97 24.54
N GLY D 183 -38.80 34.01 23.26
CA GLY D 183 -38.36 35.15 22.42
C GLY D 183 -36.89 35.06 22.01
N LYS D 184 -36.18 34.01 22.47
CA LYS D 184 -34.77 33.74 22.10
C LYS D 184 -34.73 32.69 20.98
N HIS D 185 -33.88 32.89 19.98
CA HIS D 185 -33.78 32.03 18.76
C HIS D 185 -32.40 31.35 18.67
N SER D 186 -31.49 31.62 19.63
CA SER D 186 -30.08 31.16 19.58
C SER D 186 -29.38 31.39 20.91
N VAL D 187 -28.32 30.63 21.18
CA VAL D 187 -27.39 30.82 22.33
C VAL D 187 -26.07 31.40 21.77
N LYS D 188 -25.46 32.33 22.51
CA LYS D 188 -24.09 32.85 22.23
C LYS D 188 -23.24 32.74 23.50
N GLY D 189 -22.28 31.82 23.52
CA GLY D 189 -21.21 31.79 24.53
C GLY D 189 -20.31 33.00 24.35
N LEU D 190 -20.19 33.85 25.38
CA LEU D 190 -19.39 35.10 25.34
C LEU D 190 -17.94 34.80 25.75
N GLY D 191 -17.01 34.96 24.81
CA GLY D 191 -15.57 34.68 25.01
C GLY D 191 -14.80 35.90 25.50
N LYS D 192 -13.56 35.69 25.96
CA LYS D 192 -12.62 36.75 26.39
C LYS D 192 -12.12 37.54 25.17
N THR D 193 -12.17 36.93 23.98
CA THR D 193 -11.72 37.53 22.69
C THR D 193 -12.89 37.54 21.69
N THR D 194 -13.04 38.64 20.95
CA THR D 194 -14.12 38.87 19.95
C THR D 194 -13.58 39.72 18.79
N PRO D 195 -14.06 39.51 17.53
CA PRO D 195 -13.72 40.41 16.43
C PRO D 195 -14.14 41.86 16.70
N ASP D 196 -13.41 42.82 16.12
CA ASP D 196 -13.68 44.27 16.23
C ASP D 196 -15.07 44.55 15.65
N PRO D 197 -16.07 44.95 16.48
CA PRO D 197 -17.41 45.27 15.98
C PRO D 197 -17.43 46.26 14.80
N SER D 198 -16.53 47.25 14.81
CA SER D 198 -16.47 48.36 13.82
C SER D 198 -16.18 47.83 12.41
N ALA D 199 -15.35 46.80 12.30
CA ALA D 199 -14.84 46.24 11.02
C ALA D 199 -15.87 45.31 10.37
N ASN D 200 -16.97 45.02 11.06
CA ASN D 200 -18.13 44.25 10.51
C ASN D 200 -18.49 44.81 9.13
N ILE D 201 -18.84 43.92 8.19
CA ILE D 201 -19.35 44.26 6.83
C ILE D 201 -20.63 43.44 6.58
N SER D 202 -21.18 43.54 5.38
CA SER D 202 -22.40 42.83 4.92
C SER D 202 -22.12 42.09 3.61
N LEU D 203 -22.44 40.79 3.55
CA LEU D 203 -22.28 39.93 2.34
C LEU D 203 -23.61 39.20 2.07
N ASP D 204 -24.37 39.69 1.08
CA ASP D 204 -25.71 39.17 0.70
C ASP D 204 -26.67 39.34 1.90
N GLY D 205 -26.58 40.49 2.59
CA GLY D 205 -27.43 40.84 3.75
C GLY D 205 -27.10 40.03 4.99
N VAL D 206 -25.93 39.38 5.02
CA VAL D 206 -25.44 38.53 6.15
C VAL D 206 -24.25 39.26 6.78
N ASP D 207 -24.23 39.36 8.11
CA ASP D 207 -23.16 40.06 8.88
C ASP D 207 -21.94 39.14 8.95
N VAL D 208 -20.77 39.63 8.50
CA VAL D 208 -19.49 38.89 8.49
C VAL D 208 -18.58 39.52 9.56
N PRO D 209 -18.48 38.93 10.77
CA PRO D 209 -17.66 39.51 11.83
C PRO D 209 -16.17 39.20 11.61
N LEU D 210 -15.56 39.88 10.64
CA LEU D 210 -14.17 39.62 10.18
C LEU D 210 -13.20 40.65 10.76
N GLY D 211 -13.61 41.37 11.82
CA GLY D 211 -12.70 42.24 12.59
C GLY D 211 -11.59 41.44 13.23
N THR D 212 -10.50 42.09 13.62
CA THR D 212 -9.35 41.48 14.32
C THR D 212 -9.76 41.19 15.76
N GLY D 213 -9.27 40.08 16.34
CA GLY D 213 -9.54 39.68 17.73
C GLY D 213 -9.09 40.76 18.70
N ILE D 214 -10.02 41.22 19.57
CA ILE D 214 -9.78 42.29 20.59
C ILE D 214 -10.32 41.82 21.94
N SER D 215 -9.97 42.54 23.01
CA SER D 215 -10.54 42.36 24.37
C SER D 215 -12.04 42.69 24.32
N SER D 216 -12.89 41.70 24.55
CA SER D 216 -14.37 41.80 24.56
C SER D 216 -14.82 42.71 25.70
N GLY D 217 -14.10 42.67 26.83
CA GLY D 217 -14.46 43.37 28.08
C GLY D 217 -15.28 42.49 29.00
N VAL D 218 -15.73 41.33 28.52
CA VAL D 218 -16.47 40.31 29.32
C VAL D 218 -15.47 39.69 30.30
N ASN D 219 -15.75 39.75 31.60
CA ASN D 219 -14.74 39.53 32.67
C ASN D 219 -14.85 38.11 33.24
N ASP D 220 -16.01 37.75 33.80
CA ASP D 220 -16.17 36.52 34.63
C ASP D 220 -16.68 35.37 33.75
N THR D 221 -16.03 35.09 32.63
CA THR D 221 -16.44 34.07 31.62
C THR D 221 -15.48 32.87 31.65
N SER D 222 -15.99 31.71 31.22
CA SER D 222 -15.24 30.42 31.10
C SER D 222 -14.69 30.24 29.69
N LEU D 223 -15.11 31.10 28.74
CA LEU D 223 -14.82 30.96 27.29
C LEU D 223 -13.72 31.95 26.88
N LEU D 224 -12.79 31.47 26.04
CA LEU D 224 -11.78 32.30 25.32
C LEU D 224 -12.44 32.95 24.12
N TYR D 225 -13.31 32.21 23.44
CA TYR D 225 -13.81 32.48 22.07
C TYR D 225 -15.33 32.34 22.03
N ASN D 226 -15.99 33.19 21.23
CA ASN D 226 -17.47 33.22 21.09
C ASN D 226 -17.94 31.95 20.37
N GLU D 227 -18.85 31.21 21.02
CA GLU D 227 -19.60 30.06 20.44
C GLU D 227 -21.02 30.54 20.12
N TYR D 228 -21.58 30.11 18.99
CA TYR D 228 -23.00 30.32 18.59
C TYR D 228 -23.68 28.96 18.38
N ILE D 229 -24.77 28.71 19.10
CA ILE D 229 -25.52 27.42 19.06
C ILE D 229 -26.97 27.71 18.62
N VAL D 230 -27.52 26.85 17.76
CA VAL D 230 -28.95 26.83 17.34
C VAL D 230 -29.48 25.40 17.54
N TYR D 231 -30.78 25.28 17.84
CA TYR D 231 -31.43 24.00 18.27
C TYR D 231 -32.53 23.65 17.26
N ASP D 232 -32.32 24.06 16.00
CA ASP D 232 -33.21 23.79 14.84
C ASP D 232 -32.35 23.81 13.57
N ILE D 233 -32.21 22.66 12.89
CA ILE D 233 -31.31 22.45 11.71
C ILE D 233 -31.75 23.36 10.55
N ALA D 234 -32.97 23.89 10.60
CA ALA D 234 -33.53 24.81 9.59
C ALA D 234 -32.91 26.22 9.73
N GLN D 235 -32.31 26.52 10.88
CA GLN D 235 -31.67 27.84 11.17
C GLN D 235 -30.25 27.90 10.59
N VAL D 236 -29.80 26.85 9.88
CA VAL D 236 -28.46 26.77 9.24
C VAL D 236 -28.62 26.58 7.73
N ASN D 237 -27.87 27.36 6.95
CA ASN D 237 -27.70 27.22 5.48
C ASN D 237 -26.21 27.36 5.16
N LEU D 238 -25.57 26.27 4.72
CA LEU D 238 -24.11 26.21 4.46
C LEU D 238 -23.82 26.89 3.12
N LYS D 239 -22.82 27.79 3.10
CA LYS D 239 -22.47 28.65 1.94
C LYS D 239 -21.16 28.19 1.32
N TYR D 240 -20.09 28.09 2.11
CA TYR D 240 -18.72 27.77 1.63
C TYR D 240 -18.12 26.61 2.43
N LEU D 241 -17.16 25.92 1.81
CA LEU D 241 -16.25 24.93 2.44
C LEU D 241 -14.81 25.34 2.07
N LEU D 242 -13.90 25.32 3.04
CA LEU D 242 -12.47 25.74 2.85
C LEU D 242 -11.55 24.55 3.12
N LYS D 243 -10.61 24.30 2.20
CA LYS D 243 -9.46 23.36 2.35
C LYS D 243 -8.25 24.16 2.83
N LEU D 244 -7.81 23.93 4.07
CA LEU D 244 -6.79 24.76 4.77
C LEU D 244 -5.53 23.95 5.08
N LYS D 245 -4.36 24.54 4.81
CA LYS D 245 -3.04 24.02 5.27
C LYS D 245 -2.75 24.62 6.65
N PHE D 246 -2.34 23.77 7.60
CA PHE D 246 -1.91 24.18 8.97
C PHE D 246 -0.37 24.16 9.02
N ASN D 247 0.25 25.32 9.25
CA ASN D 247 1.72 25.50 9.35
C ASN D 247 2.12 25.44 10.84
#